data_7U8E
#
_entry.id   7U8E
#
_cell.length_a   194.797
_cell.length_b   41.603
_cell.length_c   98.991
_cell.angle_alpha   90.000
_cell.angle_beta   107.030
_cell.angle_gamma   90.000
#
_symmetry.space_group_name_H-M   'C 1 2 1'
#
loop_
_entity.id
_entity.type
_entity.pdbx_description
1 polymer 'Spike protein S1'
2 polymer 'Antibody Ab246 Fab heavy chain'
3 polymer 'Antibody Ab246 Fab light chain'
4 non-polymer 2-acetamido-2-deoxy-beta-D-glucopyranose
5 non-polymer GLYCEROL
6 non-polymer 'CHLORIDE ION'
7 water water
#
loop_
_entity_poly.entity_id
_entity_poly.type
_entity_poly.pdbx_seq_one_letter_code
_entity_poly.pdbx_strand_id
1 'polypeptide(L)'
;NITNLCPFGEVFNATRFASVYAWNRKRISNCVADYSVLYNSASFSTFKCYGVSPTKLNDLCFTNVYADSFVIRGDEVRQI
APGQTGKIADYNYKLPDDFTGCVIAWNSNNLDSKVGGNYNYLYRLFRKSNLKPFERDISTEIYQAGSTPCNGVEGFNCYF
PLQSYGFQPTNGVGYQPYRVVVLSFELLHAPATVCGPGSHHHHHH
;
A
2 'polypeptide(L)'
;QVQLQESGPGLVKPSETLSLTCSVSGDSIGTYYWSWIRQSPEKGLEWIGYIHHSGKTNYNPSLKSRVTMSVDTSKNQFSL
KLTSVTAADTAVYYCARSPIGYCSSTKCYIDKPFDSWGQGTLVTVSSASTKGPSVFPLAPSSKSTSGGTAALGCLVKDYF
PEPVTVSWNSGALTSGVHTFPAVLQSSGLYSLSSVVTVPSSSLGTQTYICNVNHKPSNTKVDKRVAA
;
H
3 'polypeptide(L)'
;QAVLTQPSSLSASPGASASLTCTLRGGINVVNQRLYWYQQKPGSPPRFLLKYKSDSDNFLGSGVPSRFSGSKDASANAGI
LLISEVQSEDEADYYCMMWHSSAYVFGGGTKLTVLGQPKAAPSVTLFPPSSEELQANKATLVCLISDFYPGAVTVAWKAD
SSPVKAGVETTTPSKQSNNKYAASSYLSLTPEQWKSHRSYSCQVTHEGSTVEKTVAPTECS
;
L
#
loop_
_chem_comp.id
_chem_comp.type
_chem_comp.name
_chem_comp.formula
CL non-polymer 'CHLORIDE ION' 'Cl -1'
GOL non-polymer GLYCEROL 'C3 H8 O3'
NAG D-saccharide, beta linking 2-acetamido-2-deoxy-beta-D-glucopyranose 'C8 H15 N O6'
#
# COMPACT_ATOMS: atom_id res chain seq x y z
N THR A 3 40.80 17.68 4.88
CA THR A 3 41.92 16.77 5.00
C THR A 3 41.79 15.88 6.24
N ASN A 4 41.08 16.39 7.25
CA ASN A 4 40.90 15.63 8.47
C ASN A 4 40.10 14.36 8.20
N LEU A 5 40.55 13.26 8.81
CA LEU A 5 39.88 11.98 8.64
C LEU A 5 38.85 11.76 9.74
N CYS A 6 37.83 10.98 9.42
CA CYS A 6 36.74 10.76 10.36
C CYS A 6 37.21 9.91 11.53
N PRO A 7 36.68 10.15 12.73
CA PRO A 7 37.10 9.45 13.95
C PRO A 7 36.49 8.06 14.09
N PHE A 8 36.58 7.26 13.02
CA PHE A 8 36.06 5.89 13.08
C PHE A 8 36.70 5.11 14.20
N GLY A 9 37.96 5.42 14.54
CA GLY A 9 38.61 4.75 15.64
C GLY A 9 37.95 5.04 16.98
N GLU A 10 37.35 6.21 17.13
CA GLU A 10 36.63 6.52 18.37
C GLU A 10 35.39 5.65 18.52
N VAL A 11 34.85 5.14 17.42
CA VAL A 11 33.68 4.27 17.45
C VAL A 11 34.08 2.80 17.40
N PHE A 12 34.89 2.43 16.40
CA PHE A 12 35.29 1.03 16.29
C PHE A 12 36.25 0.63 17.40
N ASN A 13 37.26 1.45 17.66
CA ASN A 13 38.26 1.18 18.70
C ASN A 13 37.86 1.81 20.03
N ALA A 14 36.65 1.54 20.50
CA ALA A 14 36.19 2.04 21.78
C ALA A 14 36.26 0.91 22.80
N THR A 15 36.82 1.21 23.98
CA THR A 15 36.91 0.21 25.02
C THR A 15 35.54 -0.14 25.59
N ARG A 16 34.60 0.79 25.56
CA ARG A 16 33.28 0.61 26.14
C ARG A 16 32.24 0.58 25.03
N PHE A 17 31.39 -0.44 25.05
CA PHE A 17 30.24 -0.55 24.16
C PHE A 17 28.97 -0.60 24.99
N ALA A 18 27.96 0.14 24.56
CA ALA A 18 26.72 0.20 25.31
C ALA A 18 25.96 -1.10 25.18
N SER A 19 25.00 -1.29 26.09
CA SER A 19 24.02 -2.35 25.90
C SER A 19 23.14 -2.01 24.71
N VAL A 20 22.54 -3.05 24.12
CA VAL A 20 21.76 -2.84 22.91
C VAL A 20 20.52 -1.99 23.21
N TYR A 21 19.86 -2.25 24.34
CA TYR A 21 18.66 -1.48 24.66
C TYR A 21 18.98 0.00 24.85
N ALA A 22 20.22 0.32 25.22
CA ALA A 22 20.67 1.69 25.37
C ALA A 22 21.77 2.00 24.36
N TRP A 23 21.56 1.56 23.12
CA TRP A 23 22.59 1.62 22.11
C TRP A 23 23.10 3.05 21.93
N ASN A 24 24.40 3.16 21.67
CA ASN A 24 25.06 4.44 21.51
C ASN A 24 25.02 4.91 20.06
N ARG A 25 24.92 6.22 19.89
CA ARG A 25 25.01 6.84 18.57
C ARG A 25 26.01 7.99 18.63
N LYS A 26 26.80 8.13 17.56
CA LYS A 26 27.70 9.26 17.41
C LYS A 26 27.51 9.89 16.04
N ARG A 27 27.48 11.21 16.02
CA ARG A 27 27.38 11.97 14.78
C ARG A 27 28.77 12.19 14.20
N ILE A 28 28.93 11.86 12.92
CA ILE A 28 30.18 12.06 12.20
C ILE A 28 29.91 13.05 11.08
N SER A 29 30.77 14.05 10.94
CA SER A 29 30.55 15.09 9.94
C SER A 29 31.85 15.84 9.69
N ASN A 30 31.91 16.50 8.53
CA ASN A 30 33.04 17.34 8.16
C ASN A 30 34.36 16.58 8.29
N CYS A 31 34.50 15.53 7.47
CA CYS A 31 35.71 14.72 7.47
C CYS A 31 35.74 13.87 6.21
N VAL A 32 36.82 13.11 6.04
CA VAL A 32 36.96 12.16 4.94
C VAL A 32 36.89 10.76 5.52
N ALA A 33 35.90 9.98 5.09
CA ALA A 33 35.69 8.62 5.58
C ALA A 33 36.38 7.64 4.64
N ASP A 34 37.60 7.22 4.99
CA ASP A 34 38.33 6.24 4.20
C ASP A 34 37.79 4.86 4.55
N TYR A 35 36.68 4.50 3.88
CA TYR A 35 36.08 3.20 4.10
C TYR A 35 36.99 2.06 3.69
N SER A 36 37.98 2.33 2.82
CA SER A 36 38.93 1.31 2.44
C SER A 36 39.56 0.66 3.68
N VAL A 37 39.86 1.46 4.69
CA VAL A 37 40.47 0.94 5.91
C VAL A 37 39.55 -0.08 6.58
N LEU A 38 38.24 0.04 6.37
CA LEU A 38 37.29 -0.80 7.10
C LEU A 38 37.16 -2.18 6.46
N TYR A 39 36.71 -2.24 5.21
CA TYR A 39 36.50 -3.55 4.58
C TYR A 39 37.81 -4.24 4.19
N ASN A 40 38.94 -3.52 4.21
CA ASN A 40 40.22 -4.16 4.03
C ASN A 40 40.60 -4.99 5.26
N SER A 41 40.12 -4.60 6.43
CA SER A 41 40.41 -5.34 7.65
C SER A 41 39.66 -6.67 7.66
N ALA A 42 40.37 -7.74 7.99
CA ALA A 42 39.79 -9.08 8.09
C ALA A 42 39.34 -9.41 9.51
N SER A 43 39.00 -8.40 10.30
CA SER A 43 38.63 -8.60 11.70
C SER A 43 37.13 -8.50 11.94
N PHE A 44 36.33 -8.45 10.87
CA PHE A 44 34.87 -8.34 10.98
C PHE A 44 34.22 -9.62 10.51
N SER A 45 33.38 -10.20 11.37
CA SER A 45 32.62 -11.39 10.98
C SER A 45 31.51 -11.05 9.99
N THR A 46 30.90 -9.88 10.10
CA THR A 46 29.88 -9.46 9.15
C THR A 46 30.14 -8.01 8.73
N PHE A 47 29.94 -7.76 7.44
CA PHE A 47 30.11 -6.42 6.87
C PHE A 47 29.14 -6.32 5.70
N LYS A 48 27.96 -5.76 5.99
CA LYS A 48 26.87 -5.75 5.02
C LYS A 48 26.40 -4.32 4.79
N CYS A 49 26.29 -3.93 3.53
CA CYS A 49 25.83 -2.60 3.16
C CYS A 49 24.48 -2.69 2.47
N TYR A 50 23.68 -1.65 2.66
CA TYR A 50 22.33 -1.60 2.12
C TYR A 50 22.13 -0.27 1.41
N GLY A 51 21.51 -0.32 0.24
CA GLY A 51 21.27 0.86 -0.55
C GLY A 51 22.46 1.40 -1.30
N VAL A 52 23.66 0.89 -1.05
CA VAL A 52 24.86 1.33 -1.76
C VAL A 52 25.84 0.18 -1.81
N SER A 53 26.39 -0.06 -2.99
CA SER A 53 27.38 -1.11 -3.13
C SER A 53 28.61 -0.74 -2.30
N PRO A 54 29.13 -1.65 -1.48
CA PRO A 54 30.40 -1.36 -0.81
C PRO A 54 31.54 -1.15 -1.79
N THR A 55 31.46 -1.75 -2.98
CA THR A 55 32.50 -1.61 -3.99
C THR A 55 32.98 -0.18 -4.12
N LYS A 56 32.07 0.78 -4.11
CA LYS A 56 32.40 2.19 -4.36
C LYS A 56 31.91 3.07 -3.21
N LEU A 57 32.20 2.66 -1.98
CA LEU A 57 31.91 3.51 -0.83
C LEU A 57 32.78 4.76 -0.84
N ASN A 58 34.09 4.60 -1.06
CA ASN A 58 35.01 5.72 -0.96
C ASN A 58 34.78 6.78 -2.03
N ASP A 59 33.90 6.54 -2.99
CA ASP A 59 33.63 7.48 -4.07
C ASP A 59 32.39 8.32 -3.83
N LEU A 60 31.77 8.21 -2.66
CA LEU A 60 30.49 8.86 -2.41
C LEU A 60 30.60 9.88 -1.30
N CYS A 61 29.64 10.81 -1.29
CA CYS A 61 29.52 11.84 -0.28
C CYS A 61 28.15 11.71 0.39
N PHE A 62 28.06 12.20 1.63
CA PHE A 62 26.79 12.16 2.36
C PHE A 62 26.68 13.39 3.25
N THR A 63 25.44 13.81 3.49
CA THR A 63 25.20 14.97 4.35
C THR A 63 25.76 14.73 5.74
N ASN A 64 25.30 13.67 6.40
CA ASN A 64 25.83 13.28 7.70
C ASN A 64 25.83 11.76 7.79
N VAL A 65 26.75 11.22 8.58
CA VAL A 65 26.82 9.79 8.83
C VAL A 65 26.75 9.56 10.33
N TYR A 66 25.84 8.68 10.75
CA TYR A 66 25.68 8.33 12.15
C TYR A 66 26.29 6.95 12.41
N ALA A 67 27.01 6.83 13.51
CA ALA A 67 27.65 5.58 13.91
C ALA A 67 26.98 5.08 15.18
N ASP A 68 26.10 4.10 15.03
CA ASP A 68 25.46 3.44 16.16
C ASP A 68 26.26 2.21 16.57
N SER A 69 26.42 2.01 17.88
CA SER A 69 27.21 0.89 18.36
C SER A 69 26.59 0.30 19.62
N PHE A 70 26.71 -1.01 19.77
CA PHE A 70 26.19 -1.75 20.91
C PHE A 70 26.74 -3.17 20.81
N VAL A 71 26.41 -4.00 21.79
CA VAL A 71 26.76 -5.41 21.74
C VAL A 71 25.49 -6.25 21.83
N ILE A 72 25.48 -7.37 21.11
CA ILE A 72 24.37 -8.30 21.11
C ILE A 72 24.94 -9.71 21.01
N ARG A 73 24.06 -10.69 21.17
CA ARG A 73 24.43 -12.09 21.05
C ARG A 73 24.80 -12.40 19.61
N GLY A 74 25.77 -13.29 19.44
CA GLY A 74 26.25 -13.61 18.10
C GLY A 74 25.13 -13.98 17.15
N ASP A 75 24.21 -14.83 17.60
CA ASP A 75 23.13 -15.30 16.75
C ASP A 75 22.01 -14.28 16.57
N GLU A 76 22.20 -13.10 17.18
CA GLU A 76 21.22 -11.97 17.12
C GLU A 76 21.69 -10.93 16.11
N VAL A 77 22.83 -11.16 15.45
CA VAL A 77 23.42 -10.24 14.43
C VAL A 77 22.53 -10.20 13.17
N ARG A 78 21.79 -11.28 12.91
CA ARG A 78 20.84 -11.44 11.77
C ARG A 78 19.77 -10.35 11.85
N GLN A 79 19.31 -10.02 13.06
CA GLN A 79 18.26 -8.99 13.28
C GLN A 79 18.73 -7.57 12.94
N ILE A 80 20.05 -7.30 12.92
CA ILE A 80 20.46 -5.92 12.63
C ILE A 80 20.45 -5.79 11.12
N ALA A 81 19.25 -5.61 10.56
CA ALA A 81 19.05 -5.54 9.12
C ALA A 81 17.61 -5.18 8.80
N PRO A 82 17.37 -4.52 7.68
CA PRO A 82 16.01 -4.06 7.37
C PRO A 82 15.03 -5.22 7.32
N GLY A 83 13.82 -4.98 7.82
CA GLY A 83 12.74 -5.94 7.71
C GLY A 83 12.91 -7.23 8.48
N GLN A 84 13.66 -7.23 9.56
CA GLN A 84 13.85 -8.44 10.37
C GLN A 84 13.01 -8.36 11.63
N THR A 85 12.84 -9.52 12.28
CA THR A 85 11.98 -9.65 13.44
C THR A 85 12.74 -10.35 14.56
N GLY A 86 12.30 -10.10 15.79
CA GLY A 86 12.93 -10.68 16.97
C GLY A 86 13.02 -9.70 18.11
N LYS A 87 13.51 -10.17 19.26
CA LYS A 87 13.59 -9.31 20.44
C LYS A 87 14.40 -8.06 20.17
N ILE A 88 15.47 -8.19 19.40
CA ILE A 88 16.36 -7.06 19.17
C ILE A 88 15.70 -6.05 18.23
N ALA A 89 15.37 -6.48 17.02
CA ALA A 89 14.75 -5.58 16.04
C ALA A 89 13.43 -5.04 16.57
N ASP A 90 12.65 -5.87 17.26
CA ASP A 90 11.36 -5.42 17.73
C ASP A 90 11.49 -4.45 18.90
N TYR A 91 12.37 -4.74 19.86
CA TYR A 91 12.36 -4.02 21.11
C TYR A 91 13.63 -3.25 21.43
N ASN A 92 14.73 -3.45 20.69
CA ASN A 92 15.99 -2.81 21.07
C ASN A 92 16.56 -1.90 19.99
N TYR A 93 16.72 -2.38 18.77
CA TYR A 93 17.31 -1.56 17.71
C TYR A 93 16.68 -1.95 16.38
N LYS A 94 16.08 -0.99 15.70
CA LYS A 94 15.33 -1.24 14.47
C LYS A 94 15.87 -0.37 13.35
N LEU A 95 16.20 -1.00 12.27
CA LEU A 95 16.57 -0.29 11.07
C LEU A 95 15.34 -0.06 10.18
N PRO A 96 15.31 1.05 9.46
CA PRO A 96 14.21 1.28 8.51
C PRO A 96 14.26 0.29 7.35
N ASP A 97 13.09 0.09 6.73
CA ASP A 97 12.97 -0.86 5.63
C ASP A 97 13.82 -0.45 4.43
N ASP A 98 14.07 0.85 4.25
CA ASP A 98 14.82 1.36 3.11
C ASP A 98 16.18 1.86 3.54
N PHE A 99 16.80 1.15 4.48
CA PHE A 99 18.04 1.59 5.09
C PHE A 99 19.13 1.77 4.03
N THR A 100 19.89 2.84 4.18
CA THR A 100 21.06 3.08 3.34
C THR A 100 22.28 3.19 4.26
N GLY A 101 23.12 2.18 4.25
CA GLY A 101 24.30 2.17 5.09
C GLY A 101 24.90 0.77 5.17
N CYS A 102 25.73 0.58 6.19
CA CYS A 102 26.40 -0.70 6.39
C CYS A 102 26.30 -1.09 7.86
N VAL A 103 26.26 -2.39 8.09
CA VAL A 103 26.28 -2.96 9.43
C VAL A 103 27.53 -3.83 9.54
N ILE A 104 28.36 -3.53 10.52
CA ILE A 104 29.63 -4.20 10.73
C ILE A 104 29.62 -4.83 12.11
N ALA A 105 30.07 -6.07 12.20
CA ALA A 105 30.07 -6.77 13.48
C ALA A 105 31.33 -7.62 13.58
N TRP A 106 31.70 -7.91 14.82
CA TRP A 106 32.84 -8.78 15.07
C TRP A 106 32.67 -9.39 16.46
N ASN A 107 33.17 -10.60 16.61
CA ASN A 107 33.06 -11.31 17.88
C ASN A 107 33.98 -10.67 18.91
N SER A 108 33.41 -10.27 20.05
CA SER A 108 34.15 -9.61 21.12
C SER A 108 34.21 -10.48 22.38
N ASN A 109 34.16 -11.80 22.21
CA ASN A 109 34.19 -12.70 23.36
C ASN A 109 35.43 -12.45 24.21
N ASN A 110 36.59 -12.28 23.58
CA ASN A 110 37.83 -12.10 24.34
C ASN A 110 37.79 -10.86 25.23
N LEU A 111 36.87 -9.94 24.99
CA LEU A 111 36.82 -8.68 25.74
C LEU A 111 35.55 -8.49 26.56
N ASP A 112 34.38 -8.89 26.05
CA ASP A 112 33.12 -8.57 26.70
C ASP A 112 32.57 -9.69 27.58
N SER A 113 33.01 -10.93 27.37
CA SER A 113 32.60 -12.01 28.25
C SER A 113 33.28 -11.87 29.61
N LYS A 114 33.02 -12.85 30.47
CA LYS A 114 33.59 -12.90 31.82
C LYS A 114 33.46 -14.31 32.33
N VAL A 115 34.49 -14.78 33.03
CA VAL A 115 34.34 -16.01 33.81
C VAL A 115 33.24 -15.79 34.82
N GLY A 116 32.22 -16.64 34.80
CA GLY A 116 31.06 -16.48 35.63
C GLY A 116 29.95 -15.63 35.03
N GLY A 117 30.29 -14.75 34.09
CA GLY A 117 29.21 -14.03 33.40
C GLY A 117 29.32 -12.51 33.51
N ASN A 118 29.20 -11.86 32.36
CA ASN A 118 29.21 -10.40 32.27
C ASN A 118 27.76 -9.93 32.17
N TYR A 119 27.21 -9.51 33.31
CA TYR A 119 25.80 -9.18 33.42
C TYR A 119 25.51 -7.70 33.17
N ASN A 120 26.50 -6.94 32.70
CA ASN A 120 26.32 -5.52 32.42
C ASN A 120 25.77 -5.24 31.03
N TYR A 121 25.77 -6.23 30.14
CA TYR A 121 25.19 -6.09 28.80
C TYR A 121 23.78 -6.65 28.84
N LEU A 122 22.79 -5.76 28.75
CA LEU A 122 21.39 -6.12 28.85
C LEU A 122 20.65 -5.85 27.54
N TYR A 123 19.47 -6.45 27.41
CA TYR A 123 18.61 -6.17 26.27
C TYR A 123 17.16 -6.21 26.75
N ARG A 124 16.29 -5.53 26.02
CA ARG A 124 14.89 -5.46 26.40
C ARG A 124 14.15 -6.71 25.94
N LEU A 125 13.41 -7.32 26.87
CA LEU A 125 12.63 -8.52 26.58
C LEU A 125 11.21 -8.21 26.13
N PHE A 126 10.60 -7.14 26.63
CA PHE A 126 9.19 -6.89 26.41
C PHE A 126 8.95 -5.41 26.12
N ARG A 127 7.90 -5.14 25.36
CA ARG A 127 7.47 -3.78 25.07
C ARG A 127 6.07 -3.86 24.48
N LYS A 128 5.23 -2.87 24.82
CA LYS A 128 3.86 -2.90 24.34
C LYS A 128 3.74 -2.75 22.83
N SER A 129 4.80 -2.35 22.14
CA SER A 129 4.77 -2.24 20.69
C SER A 129 6.20 -2.18 20.16
N ASN A 130 6.38 -2.57 18.90
CA ASN A 130 7.69 -2.54 18.29
C ASN A 130 8.26 -1.13 18.30
N LEU A 131 9.59 -1.03 18.29
CA LEU A 131 10.25 0.25 18.16
C LEU A 131 10.15 0.77 16.74
N LYS A 132 10.11 2.10 16.62
CA LYS A 132 10.27 2.74 15.32
C LYS A 132 11.75 2.79 14.95
N PRO A 133 12.06 2.85 13.65
CA PRO A 133 13.46 2.86 13.24
C PRO A 133 14.27 3.89 14.03
N PHE A 134 15.45 3.46 14.48
CA PHE A 134 16.37 4.34 15.18
C PHE A 134 15.76 4.91 16.46
N GLU A 135 14.82 4.19 17.06
CA GLU A 135 14.25 4.58 18.34
C GLU A 135 15.00 3.88 19.47
N ARG A 136 15.07 4.55 20.62
CA ARG A 136 15.83 4.07 21.77
CA ARG A 136 15.84 4.08 21.77
C ARG A 136 14.94 4.11 23.00
N ASP A 137 14.76 2.96 23.65
CA ASP A 137 13.88 2.82 24.80
C ASP A 137 14.71 2.37 26.00
N ILE A 138 14.87 3.25 26.98
CA ILE A 138 15.66 2.98 28.19
C ILE A 138 14.80 2.84 29.43
N SER A 139 13.48 2.99 29.32
CA SER A 139 12.64 2.92 30.49
C SER A 139 12.79 1.56 31.17
N THR A 140 12.66 1.57 32.50
CA THR A 140 12.75 0.34 33.29
C THR A 140 11.41 -0.01 33.93
N GLU A 141 10.32 0.62 33.50
CA GLU A 141 9.02 0.40 34.13
C GLU A 141 8.55 -1.04 33.93
N ILE A 142 7.84 -1.55 34.94
CA ILE A 142 7.45 -2.96 34.93
C ILE A 142 6.48 -3.21 33.77
N TYR A 143 6.67 -4.34 33.11
CA TYR A 143 5.84 -4.72 31.96
C TYR A 143 4.67 -5.58 32.41
N GLN A 144 3.45 -5.16 32.07
CA GLN A 144 2.25 -5.90 32.44
C GLN A 144 1.92 -6.88 31.32
N ALA A 145 2.08 -8.17 31.60
CA ALA A 145 1.81 -9.20 30.61
C ALA A 145 0.43 -9.83 30.76
N GLY A 146 -0.24 -9.63 31.88
CA GLY A 146 -1.54 -10.24 32.10
C GLY A 146 -2.66 -9.23 32.30
N SER A 147 -3.72 -9.66 32.99
CA SER A 147 -4.87 -8.80 33.21
C SER A 147 -4.64 -7.84 34.37
N THR A 148 -4.03 -8.32 35.45
CA THR A 148 -3.87 -7.50 36.64
C THR A 148 -2.93 -6.33 36.37
N PRO A 149 -3.33 -5.11 36.70
CA PRO A 149 -2.44 -3.94 36.50
C PRO A 149 -1.48 -3.76 37.67
N CYS A 150 -0.40 -4.54 37.65
CA CYS A 150 0.58 -4.44 38.72
C CYS A 150 1.25 -3.07 38.71
N ASN A 151 1.83 -2.70 39.85
CA ASN A 151 2.43 -1.34 39.93
C ASN A 151 3.72 -1.32 40.75
N GLY A 152 4.87 -1.39 40.06
CA GLY A 152 6.20 -1.29 40.68
C GLY A 152 6.61 -2.53 41.45
N VAL A 153 5.90 -3.65 41.29
CA VAL A 153 6.26 -4.89 42.02
C VAL A 153 6.39 -6.04 41.02
N GLU A 154 7.53 -6.73 41.01
CA GLU A 154 7.67 -7.89 40.09
C GLU A 154 6.64 -8.92 40.59
N GLY A 155 5.88 -9.51 39.66
CA GLY A 155 4.83 -10.47 40.04
C GLY A 155 4.42 -11.33 38.87
N PHE A 156 3.54 -12.30 39.10
CA PHE A 156 3.00 -13.17 38.02
C PHE A 156 2.57 -12.28 36.85
N ASN A 157 3.10 -12.56 35.66
CA ASN A 157 2.82 -11.76 34.43
C ASN A 157 3.18 -10.28 34.64
N CYS A 158 4.23 -10.00 35.41
CA CYS A 158 4.73 -8.62 35.70
C CYS A 158 6.26 -8.74 35.73
N TYR A 159 6.88 -8.61 34.56
CA TYR A 159 8.30 -8.89 34.40
C TYR A 159 9.13 -7.61 34.42
N PHE A 160 10.32 -7.72 34.97
CA PHE A 160 11.31 -6.65 34.86
C PHE A 160 11.79 -6.59 33.42
N PRO A 161 11.60 -5.48 32.71
CA PRO A 161 11.67 -5.52 31.24
C PRO A 161 13.03 -5.89 30.68
N LEU A 162 14.11 -5.73 31.43
CA LEU A 162 15.46 -5.98 30.92
C LEU A 162 15.98 -7.31 31.43
N GLN A 163 16.77 -7.98 30.58
CA GLN A 163 17.47 -9.19 30.96
C GLN A 163 18.95 -9.06 30.63
N SER A 164 19.79 -9.53 31.54
CA SER A 164 21.23 -9.53 31.31
C SER A 164 21.63 -10.72 30.45
N TYR A 165 22.46 -10.48 29.45
CA TYR A 165 23.19 -11.57 28.84
C TYR A 165 24.10 -12.20 29.90
N GLY A 166 24.26 -13.51 29.84
CA GLY A 166 25.19 -14.14 30.76
C GLY A 166 26.56 -14.35 30.17
N PHE A 167 27.14 -13.32 29.54
CA PHE A 167 28.29 -13.54 28.67
C PHE A 167 29.43 -14.23 29.40
N GLN A 168 29.72 -15.46 28.99
CA GLN A 168 30.82 -16.24 29.54
C GLN A 168 31.70 -16.72 28.42
N PRO A 169 33.01 -16.81 28.66
CA PRO A 169 33.92 -17.18 27.56
C PRO A 169 33.59 -18.53 26.96
N THR A 170 32.98 -19.41 27.73
CA THR A 170 32.74 -20.79 27.33
C THR A 170 31.48 -20.96 26.49
N ASN A 171 30.65 -19.92 26.36
CA ASN A 171 29.43 -20.01 25.58
C ASN A 171 29.69 -20.52 24.16
N GLY A 172 28.68 -21.11 23.54
CA GLY A 172 28.77 -21.40 22.12
C GLY A 172 28.88 -20.15 21.29
N VAL A 173 29.45 -20.31 20.09
CA VAL A 173 29.70 -19.16 19.22
C VAL A 173 28.43 -18.34 19.06
N GLY A 174 27.28 -19.00 18.95
CA GLY A 174 26.03 -18.30 18.75
C GLY A 174 25.66 -17.38 19.89
N TYR A 175 26.08 -17.72 21.11
CA TYR A 175 25.72 -16.96 22.29
C TYR A 175 26.85 -16.06 22.80
N GLN A 176 27.91 -15.89 22.04
CA GLN A 176 29.02 -15.03 22.45
C GLN A 176 28.73 -13.57 22.11
N PRO A 177 29.34 -12.65 22.85
CA PRO A 177 29.08 -11.23 22.57
C PRO A 177 29.72 -10.81 21.26
N TYR A 178 28.97 -10.01 20.51
CA TYR A 178 29.47 -9.46 19.23
C TYR A 178 29.35 -7.94 19.30
N ARG A 179 30.35 -7.23 18.78
CA ARG A 179 30.29 -5.75 18.77
C ARG A 179 29.81 -5.34 17.39
N VAL A 180 28.76 -4.51 17.33
CA VAL A 180 28.22 -4.09 16.01
C VAL A 180 28.19 -2.56 15.93
N VAL A 181 28.57 -2.03 14.78
CA VAL A 181 28.50 -0.56 14.54
C VAL A 181 27.71 -0.36 13.26
N VAL A 182 26.58 0.34 13.34
CA VAL A 182 25.76 0.60 12.16
C VAL A 182 26.10 1.99 11.68
N LEU A 183 26.57 2.09 10.44
CA LEU A 183 26.82 3.37 9.80
C LEU A 183 25.59 3.71 8.97
N SER A 184 24.93 4.81 9.30
CA SER A 184 23.82 5.35 8.53
C SER A 184 24.31 6.51 7.68
N PHE A 185 24.06 6.44 6.37
CA PHE A 185 24.50 7.48 5.45
C PHE A 185 23.35 8.46 5.24
N GLU A 186 23.42 9.60 5.93
CA GLU A 186 22.37 10.61 5.89
C GLU A 186 22.70 11.61 4.77
N LEU A 187 21.95 11.53 3.67
CA LEU A 187 22.10 12.42 2.53
C LEU A 187 20.82 13.24 2.38
N LEU A 188 20.82 14.43 3.01
CA LEU A 188 19.66 15.30 2.97
C LEU A 188 19.77 16.24 1.76
N HIS A 189 18.85 17.20 1.67
CA HIS A 189 18.88 18.21 0.62
C HIS A 189 19.79 19.37 1.00
N ALA A 190 21.02 19.05 1.39
CA ALA A 190 22.01 20.05 1.80
C ALA A 190 23.38 19.56 1.41
N PRO A 191 24.35 20.46 1.24
CA PRO A 191 25.69 20.06 0.83
C PRO A 191 26.26 18.96 1.73
N ALA A 192 26.81 17.93 1.11
CA ALA A 192 27.38 16.81 1.84
C ALA A 192 28.68 17.22 2.54
N THR A 193 28.84 16.77 3.79
CA THR A 193 29.99 17.15 4.60
C THR A 193 30.88 15.96 4.96
N VAL A 194 30.68 14.80 4.34
CA VAL A 194 31.50 13.62 4.58
C VAL A 194 31.66 12.89 3.26
N CYS A 195 32.90 12.77 2.78
CA CYS A 195 33.20 12.16 1.49
C CYS A 195 34.33 11.14 1.65
N GLY A 196 34.50 10.33 0.61
CA GLY A 196 35.55 9.33 0.59
C GLY A 196 36.81 9.83 -0.08
N PRO A 197 37.89 9.04 -0.02
CA PRO A 197 39.16 9.51 -0.58
C PRO A 197 39.12 9.73 -2.08
N GLY A 198 38.58 8.77 -2.83
CA GLY A 198 38.65 8.81 -4.28
C GLY A 198 37.43 9.35 -4.99
N SER A 199 36.78 10.36 -4.41
CA SER A 199 35.62 11.00 -5.01
C SER A 199 36.01 12.35 -5.61
N HIS A 200 35.22 12.78 -6.59
CA HIS A 200 35.47 14.05 -7.27
C HIS A 200 35.24 15.23 -6.33
N GLN B 1 8.12 11.29 4.75
CA GLN B 1 6.96 10.54 4.27
C GLN B 1 6.73 10.76 2.78
N VAL B 2 7.05 9.76 1.97
CA VAL B 2 6.97 9.92 0.52
C VAL B 2 5.52 9.99 0.06
N GLN B 3 5.31 10.70 -1.05
CA GLN B 3 4.00 10.80 -1.68
C GLN B 3 4.23 10.82 -3.19
N LEU B 4 3.74 9.79 -3.88
CA LEU B 4 3.77 9.74 -5.34
C LEU B 4 2.42 10.21 -5.89
N GLN B 5 2.48 11.14 -6.85
CA GLN B 5 1.30 11.74 -7.45
C GLN B 5 1.41 11.59 -8.96
N GLU B 6 0.49 10.83 -9.56
CA GLU B 6 0.47 10.61 -11.00
C GLU B 6 -0.35 11.70 -11.69
N SER B 7 0.02 12.00 -12.93
CA SER B 7 -0.76 12.95 -13.72
C SER B 7 -2.19 12.46 -13.89
N GLY B 8 -3.07 13.38 -14.28
CA GLY B 8 -4.50 13.13 -14.31
C GLY B 8 -4.94 12.14 -15.37
N PRO B 9 -6.15 11.59 -15.19
CA PRO B 9 -6.65 10.57 -16.12
C PRO B 9 -7.14 11.21 -17.42
N GLY B 10 -7.21 10.36 -18.44
CA GLY B 10 -7.59 10.82 -19.75
C GLY B 10 -7.77 9.67 -20.72
N LEU B 11 -7.98 10.02 -21.98
CA LEU B 11 -8.25 9.07 -23.04
C LEU B 11 -7.20 9.22 -24.13
N VAL B 12 -6.78 8.10 -24.69
CA VAL B 12 -5.77 8.08 -25.75
C VAL B 12 -6.37 7.39 -26.96
N LYS B 13 -6.15 7.95 -28.13
CA LYS B 13 -6.64 7.33 -29.35
C LYS B 13 -5.83 6.09 -29.67
N PRO B 14 -6.46 5.06 -30.23
CA PRO B 14 -5.69 3.88 -30.63
C PRO B 14 -4.58 4.27 -31.58
N SER B 15 -3.42 3.64 -31.40
CA SER B 15 -2.19 3.85 -32.16
C SER B 15 -1.46 5.13 -31.77
N GLU B 16 -2.01 5.94 -30.87
CA GLU B 16 -1.34 7.13 -30.38
C GLU B 16 -0.48 6.77 -29.16
N THR B 17 0.16 7.78 -28.57
CA THR B 17 1.09 7.58 -27.49
C THR B 17 0.46 7.97 -26.16
N LEU B 18 0.53 7.07 -25.18
CA LEU B 18 0.13 7.33 -23.81
C LEU B 18 1.34 7.87 -23.06
N SER B 19 1.13 8.94 -22.29
CA SER B 19 2.22 9.52 -21.53
C SER B 19 1.72 9.93 -20.15
N LEU B 20 2.51 9.58 -19.13
CA LEU B 20 2.18 9.85 -17.74
C LEU B 20 3.41 10.37 -17.02
N THR B 21 3.18 11.13 -15.95
CA THR B 21 4.27 11.63 -15.13
C THR B 21 3.94 11.39 -13.66
N CYS B 22 4.92 10.89 -12.92
CA CYS B 22 4.83 10.74 -11.49
C CYS B 22 5.67 11.82 -10.81
N SER B 23 5.07 12.55 -9.88
CA SER B 23 5.78 13.56 -9.10
C SER B 23 6.00 13.03 -7.69
N VAL B 24 7.24 13.16 -7.22
CA VAL B 24 7.64 12.63 -5.89
C VAL B 24 7.92 13.77 -4.92
N SER B 25 7.46 13.62 -3.67
CA SER B 25 7.70 14.61 -2.58
C SER B 25 7.79 13.85 -1.26
N GLY B 26 8.48 14.42 -0.26
CA GLY B 26 8.59 13.76 1.06
C GLY B 26 9.96 13.18 1.32
N ASP B 27 10.07 12.40 2.41
CA ASP B 27 11.34 11.77 2.88
C ASP B 27 11.89 10.78 1.85
N SER B 28 13.19 10.88 1.58
CA SER B 28 13.91 9.95 0.66
C SER B 28 15.28 9.64 1.28
N ILE B 29 15.29 8.90 2.39
CA ILE B 29 16.55 8.57 3.13
C ILE B 29 17.51 7.72 2.28
N GLY B 30 16.99 6.78 1.48
CA GLY B 30 17.88 5.89 0.72
C GLY B 30 17.97 6.14 -0.79
N THR B 31 18.31 5.07 -1.51
CA THR B 31 18.48 4.96 -2.95
C THR B 31 17.35 4.11 -3.52
N TYR B 32 16.74 4.57 -4.61
CA TYR B 32 15.50 3.98 -5.08
C TYR B 32 15.51 3.76 -6.59
N TYR B 33 14.87 2.68 -7.00
CA TYR B 33 14.42 2.51 -8.36
C TYR B 33 12.95 2.92 -8.45
N TRP B 34 12.54 3.34 -9.63
CA TRP B 34 11.20 3.88 -9.84
C TRP B 34 10.55 3.11 -10.96
N SER B 35 9.27 2.84 -10.82
CA SER B 35 8.61 1.85 -11.66
C SER B 35 7.21 2.29 -12.01
N TRP B 36 6.72 1.79 -13.13
CA TRP B 36 5.32 1.90 -13.50
C TRP B 36 4.71 0.51 -13.51
N ILE B 37 3.47 0.43 -13.03
CA ILE B 37 2.72 -0.81 -12.94
C ILE B 37 1.30 -0.49 -13.29
N ARG B 38 0.66 -1.32 -14.12
CA ARG B 38 -0.72 -1.08 -14.47
C ARG B 38 -1.59 -2.25 -14.04
N GLN B 39 -2.85 -1.94 -13.74
CA GLN B 39 -3.80 -2.94 -13.28
C GLN B 39 -5.03 -2.93 -14.17
N SER B 40 -5.43 -4.11 -14.62
CA SER B 40 -6.54 -4.28 -15.55
C SER B 40 -7.87 -4.24 -14.83
N PRO B 41 -8.96 -4.08 -15.58
CA PRO B 41 -10.30 -4.10 -14.96
C PRO B 41 -10.54 -5.33 -14.10
N GLU B 42 -9.94 -6.46 -14.46
CA GLU B 42 -10.09 -7.70 -13.73
C GLU B 42 -9.05 -7.86 -12.62
N LYS B 43 -8.33 -6.78 -12.28
CA LYS B 43 -7.42 -6.70 -11.15
C LYS B 43 -6.08 -7.41 -11.38
N GLY B 44 -5.77 -7.82 -12.60
CA GLY B 44 -4.43 -8.28 -12.90
C GLY B 44 -3.43 -7.13 -12.83
N LEU B 45 -2.20 -7.48 -12.44
CA LEU B 45 -1.12 -6.52 -12.28
C LEU B 45 0.00 -6.88 -13.24
N GLU B 46 0.61 -5.87 -13.84
CA GLU B 46 1.69 -6.07 -14.79
C GLU B 46 2.72 -4.97 -14.61
N TRP B 47 3.94 -5.36 -14.27
CA TRP B 47 5.05 -4.42 -14.11
C TRP B 47 5.56 -4.00 -15.48
N ILE B 48 5.74 -2.70 -15.69
CA ILE B 48 6.09 -2.19 -17.00
C ILE B 48 7.60 -1.98 -17.11
N GLY B 49 8.22 -1.58 -16.01
CA GLY B 49 9.66 -1.34 -16.01
C GLY B 49 10.03 -0.38 -14.92
N TYR B 50 11.34 -0.22 -14.72
CA TYR B 50 11.80 0.78 -13.77
C TYR B 50 12.97 1.56 -14.34
N ILE B 51 13.29 2.66 -13.67
CA ILE B 51 14.33 3.57 -14.10
C ILE B 51 15.16 3.97 -12.89
N HIS B 52 16.47 4.03 -13.06
CA HIS B 52 17.37 4.44 -12.00
C HIS B 52 17.48 5.97 -11.95
N HIS B 53 18.06 6.46 -10.86
CA HIS B 53 18.39 7.87 -10.77
C HIS B 53 19.28 8.30 -11.93
N SER B 54 20.17 7.40 -12.38
CA SER B 54 21.08 7.69 -13.47
C SER B 54 20.39 7.79 -14.82
N GLY B 55 19.17 7.27 -14.94
CA GLY B 55 18.48 7.20 -16.21
C GLY B 55 18.48 5.83 -16.84
N LYS B 56 19.35 4.94 -16.38
CA LYS B 56 19.32 3.56 -16.87
C LYS B 56 17.94 2.96 -16.63
N THR B 57 17.49 2.16 -17.57
CA THR B 57 16.14 1.64 -17.59
C THR B 57 16.18 0.13 -17.75
N ASN B 58 15.16 -0.53 -17.22
CA ASN B 58 14.94 -1.96 -17.44
C ASN B 58 13.46 -2.16 -17.66
N TYR B 59 13.10 -2.69 -18.83
CA TYR B 59 11.72 -2.76 -19.27
C TYR B 59 11.24 -4.20 -19.27
N ASN B 60 9.94 -4.36 -19.19
CA ASN B 60 9.34 -5.68 -19.32
C ASN B 60 9.53 -6.14 -20.76
N PRO B 61 10.15 -7.29 -21.00
CA PRO B 61 10.39 -7.73 -22.38
C PRO B 61 9.16 -7.70 -23.28
N SER B 62 7.97 -7.91 -22.73
CA SER B 62 6.75 -7.87 -23.53
C SER B 62 6.29 -6.46 -23.86
N LEU B 63 6.86 -5.44 -23.21
CA LEU B 63 6.52 -4.06 -23.53
C LEU B 63 7.71 -3.24 -23.99
N LYS B 64 8.91 -3.82 -23.97
CA LYS B 64 10.12 -3.06 -24.27
C LYS B 64 10.00 -2.31 -25.58
N SER B 65 9.37 -2.93 -26.59
CA SER B 65 9.35 -2.34 -27.93
C SER B 65 8.49 -1.08 -28.01
N ARG B 66 7.69 -0.79 -26.98
CA ARG B 66 6.79 0.35 -27.03
C ARG B 66 6.93 1.29 -25.85
N VAL B 67 7.80 1.00 -24.89
CA VAL B 67 7.88 1.73 -23.64
C VAL B 67 9.11 2.61 -23.63
N THR B 68 8.95 3.84 -23.16
CA THR B 68 10.06 4.70 -22.83
C THR B 68 9.81 5.27 -21.44
N MET B 69 10.78 5.10 -20.56
CA MET B 69 10.73 5.76 -19.26
C MET B 69 11.88 6.75 -19.20
N SER B 70 11.67 7.82 -18.44
CA SER B 70 12.67 8.86 -18.32
C SER B 70 12.49 9.52 -16.96
N VAL B 71 13.54 10.18 -16.51
CA VAL B 71 13.56 10.74 -15.16
C VAL B 71 14.09 12.17 -15.25
N ASP B 72 13.49 13.05 -14.45
CA ASP B 72 13.95 14.42 -14.29
C ASP B 72 14.22 14.58 -12.79
N THR B 73 15.44 14.23 -12.39
CA THR B 73 15.78 14.27 -10.97
C THR B 73 15.63 15.66 -10.41
N SER B 74 15.94 16.68 -11.21
CA SER B 74 15.83 18.05 -10.70
C SER B 74 14.39 18.39 -10.31
N LYS B 75 13.41 17.81 -11.01
CA LYS B 75 12.01 18.04 -10.67
C LYS B 75 11.43 16.95 -9.79
N ASN B 76 12.25 15.99 -9.33
CA ASN B 76 11.75 14.82 -8.62
C ASN B 76 10.58 14.18 -9.36
N GLN B 77 10.76 13.99 -10.67
CA GLN B 77 9.72 13.38 -11.50
C GLN B 77 10.30 12.29 -12.39
N PHE B 78 9.48 11.30 -12.69
CA PHE B 78 9.81 10.35 -13.74
C PHE B 78 8.55 10.10 -14.55
N SER B 79 8.74 9.61 -15.77
CA SER B 79 7.66 9.58 -16.73
C SER B 79 7.60 8.24 -17.43
N LEU B 80 6.44 7.97 -17.99
CA LEU B 80 6.19 6.81 -18.80
C LEU B 80 5.65 7.27 -20.15
N LYS B 81 6.17 6.68 -21.21
CA LYS B 81 5.67 6.91 -22.55
C LYS B 81 5.45 5.55 -23.19
N LEU B 82 4.20 5.26 -23.56
CA LEU B 82 3.80 3.98 -24.13
C LEU B 82 3.15 4.28 -25.48
N THR B 83 3.81 3.87 -26.56
CA THR B 83 3.38 4.21 -27.92
C THR B 83 2.56 3.07 -28.55
N SER B 84 1.91 3.40 -29.67
CA SER B 84 1.15 2.44 -30.46
C SER B 84 0.16 1.68 -29.59
N VAL B 85 -0.71 2.43 -28.93
CA VAL B 85 -1.55 1.89 -27.87
C VAL B 85 -2.82 1.29 -28.46
N THR B 86 -3.39 0.31 -27.76
CA THR B 86 -4.65 -0.31 -28.15
C THR B 86 -5.55 -0.42 -26.92
N ALA B 87 -6.71 -1.05 -27.11
CA ALA B 87 -7.66 -1.19 -26.00
C ALA B 87 -7.13 -2.11 -24.91
N ALA B 88 -6.19 -2.99 -25.22
CA ALA B 88 -5.55 -3.81 -24.21
C ALA B 88 -4.79 -2.96 -23.20
N ASP B 89 -4.39 -1.74 -23.56
CA ASP B 89 -3.66 -0.85 -22.68
C ASP B 89 -4.56 -0.03 -21.78
N THR B 90 -5.89 -0.18 -21.87
CA THR B 90 -6.78 0.45 -20.91
C THR B 90 -6.51 -0.13 -19.53
N ALA B 91 -6.18 0.74 -18.58
CA ALA B 91 -5.76 0.24 -17.28
C ALA B 91 -5.67 1.40 -16.30
N VAL B 92 -5.56 1.05 -15.03
CA VAL B 92 -5.10 1.96 -13.99
C VAL B 92 -3.58 1.88 -13.94
N TYR B 93 -2.92 3.01 -14.14
CA TYR B 93 -1.45 3.08 -14.15
C TYR B 93 -0.97 3.61 -12.81
N TYR B 94 -0.12 2.83 -12.16
CA TYR B 94 0.52 3.22 -10.91
C TYR B 94 1.99 3.48 -11.14
N CYS B 95 2.50 4.53 -10.50
CA CYS B 95 3.93 4.63 -10.27
C CYS B 95 4.23 4.07 -8.89
N ALA B 96 5.44 3.56 -8.73
CA ALA B 96 5.83 2.96 -7.46
C ALA B 96 7.33 3.12 -7.27
N ARG B 97 7.73 3.13 -6.01
CA ARG B 97 9.11 3.26 -5.58
C ARG B 97 9.56 1.94 -4.98
N SER B 98 10.80 1.55 -5.25
CA SER B 98 11.32 0.35 -4.64
C SER B 98 12.73 0.63 -4.13
N PRO B 99 13.00 0.40 -2.85
CA PRO B 99 14.30 0.77 -2.29
C PRO B 99 15.38 -0.24 -2.62
N ILE B 100 16.61 0.25 -2.73
CA ILE B 100 17.77 -0.63 -2.85
C ILE B 100 18.07 -1.23 -1.49
N GLY B 101 18.16 -2.55 -1.44
CA GLY B 101 18.47 -3.29 -0.23
C GLY B 101 19.93 -3.71 -0.18
N TYR B 102 20.17 -4.90 0.36
CA TYR B 102 21.53 -5.40 0.49
C TYR B 102 22.27 -5.36 -0.84
N CYS B 103 23.47 -4.77 -0.83
CA CYS B 103 24.33 -4.73 -2.01
C CYS B 103 25.60 -5.52 -1.72
N SER B 104 25.80 -6.61 -2.46
CA SER B 104 27.06 -7.34 -2.39
C SER B 104 28.09 -6.59 -3.23
N SER B 105 29.24 -7.22 -3.46
CA SER B 105 30.24 -6.60 -4.33
C SER B 105 29.80 -6.65 -5.79
N THR B 106 29.06 -7.68 -6.18
CA THR B 106 28.73 -7.92 -7.59
C THR B 106 27.24 -7.76 -7.88
N LYS B 107 26.44 -7.24 -6.95
CA LYS B 107 25.01 -7.17 -7.19
C LYS B 107 24.35 -6.34 -6.09
N CYS B 108 23.39 -5.52 -6.47
CA CYS B 108 22.48 -4.88 -5.53
C CYS B 108 21.12 -5.55 -5.64
N TYR B 109 20.49 -5.76 -4.49
CA TYR B 109 19.23 -6.47 -4.42
C TYR B 109 18.12 -5.54 -3.98
N ILE B 110 16.93 -5.76 -4.54
CA ILE B 110 15.72 -5.07 -4.09
C ILE B 110 14.95 -6.07 -3.24
N ASP B 111 15.03 -5.89 -1.92
CA ASP B 111 14.36 -6.80 -1.00
C ASP B 111 12.91 -6.44 -0.80
N LYS B 112 12.57 -5.15 -0.84
CA LYS B 112 11.22 -4.65 -0.60
C LYS B 112 10.75 -3.90 -1.85
N PRO B 113 10.46 -4.61 -2.92
CA PRO B 113 10.00 -3.94 -4.13
C PRO B 113 8.66 -3.26 -3.90
N PHE B 114 8.51 -2.06 -4.47
CA PHE B 114 7.23 -1.34 -4.49
C PHE B 114 6.83 -0.94 -3.06
N ASP B 115 7.80 -0.32 -2.40
CA ASP B 115 7.67 0.35 -1.11
C ASP B 115 6.44 1.24 -1.04
N SER B 116 6.24 2.07 -2.06
CA SER B 116 5.24 3.12 -2.03
C SER B 116 4.64 3.28 -3.42
N TRP B 117 3.34 3.55 -3.47
CA TRP B 117 2.60 3.62 -4.72
C TRP B 117 1.86 4.94 -4.83
N GLY B 118 1.61 5.37 -6.07
CA GLY B 118 0.65 6.41 -6.32
C GLY B 118 -0.76 5.88 -6.16
N GLN B 119 -1.74 6.78 -6.31
CA GLN B 119 -3.12 6.35 -6.20
C GLN B 119 -3.63 5.68 -7.46
N GLY B 120 -2.88 5.72 -8.56
CA GLY B 120 -3.30 5.09 -9.79
C GLY B 120 -4.07 6.04 -10.68
N THR B 121 -3.85 5.95 -12.00
CA THR B 121 -4.53 6.80 -12.96
C THR B 121 -5.15 5.92 -14.04
N LEU B 122 -6.45 6.08 -14.26
CA LEU B 122 -7.15 5.34 -15.30
C LEU B 122 -6.86 5.97 -16.67
N VAL B 123 -6.26 5.20 -17.57
CA VAL B 123 -6.08 5.59 -18.95
C VAL B 123 -6.93 4.68 -19.80
N THR B 124 -7.79 5.29 -20.63
CA THR B 124 -8.72 4.60 -21.51
C THR B 124 -8.26 4.78 -22.95
N VAL B 125 -7.95 3.67 -23.61
CA VAL B 125 -7.65 3.70 -25.04
C VAL B 125 -8.94 3.38 -25.78
N SER B 126 -9.36 4.26 -26.68
CA SER B 126 -10.63 4.09 -27.36
C SER B 126 -10.71 5.05 -28.53
N SER B 127 -11.34 4.58 -29.61
CA SER B 127 -11.57 5.42 -30.79
C SER B 127 -12.64 6.46 -30.56
N ALA B 128 -13.55 6.23 -29.60
CA ALA B 128 -14.70 7.09 -29.41
C ALA B 128 -14.28 8.47 -28.89
N SER B 129 -15.21 9.41 -28.97
CA SER B 129 -14.96 10.79 -28.55
C SER B 129 -15.25 10.96 -27.07
N THR B 130 -14.39 11.74 -26.41
CA THR B 130 -14.70 12.22 -25.08
C THR B 130 -16.07 12.88 -25.08
N LYS B 131 -16.79 12.74 -23.97
CA LYS B 131 -18.09 13.38 -23.82
C LYS B 131 -18.25 13.79 -22.37
N GLY B 132 -18.47 15.09 -22.15
CA GLY B 132 -18.71 15.59 -20.81
C GLY B 132 -20.09 15.20 -20.34
N PRO B 133 -20.26 15.11 -19.03
CA PRO B 133 -21.53 14.65 -18.47
C PRO B 133 -22.57 15.75 -18.41
N SER B 134 -23.83 15.32 -18.42
CA SER B 134 -24.94 16.18 -18.05
C SER B 134 -25.22 15.96 -16.57
N VAL B 135 -25.14 17.04 -15.78
CA VAL B 135 -25.34 16.98 -14.34
C VAL B 135 -26.76 17.46 -14.03
N PHE B 136 -27.51 16.65 -13.29
CA PHE B 136 -28.88 16.98 -12.92
C PHE B 136 -29.05 16.94 -11.41
N PRO B 137 -29.59 17.99 -10.80
CA PRO B 137 -29.82 17.95 -9.36
C PRO B 137 -30.88 16.92 -8.98
N LEU B 138 -30.64 16.21 -7.88
CA LEU B 138 -31.54 15.21 -7.34
C LEU B 138 -32.12 15.78 -6.05
N ALA B 139 -33.28 16.42 -6.17
CA ALA B 139 -33.75 17.31 -5.12
C ALA B 139 -34.17 16.51 -3.89
N PRO B 140 -33.90 17.03 -2.69
CA PRO B 140 -34.27 16.30 -1.46
C PRO B 140 -35.77 16.17 -1.34
N SER B 141 -36.22 14.95 -1.02
CA SER B 141 -37.64 14.66 -0.84
C SER B 141 -38.23 15.54 0.26
N GLY B 147 -37.46 9.67 10.41
CA GLY B 147 -36.37 10.39 11.06
C GLY B 147 -36.35 11.86 10.73
N GLY B 148 -35.18 12.49 10.90
CA GLY B 148 -35.04 13.91 10.63
C GLY B 148 -34.08 14.25 9.50
N THR B 149 -33.40 13.24 8.96
CA THR B 149 -32.45 13.47 7.88
C THR B 149 -33.14 13.42 6.53
N ALA B 150 -32.44 13.97 5.53
CA ALA B 150 -32.92 14.01 4.15
C ALA B 150 -31.80 13.59 3.22
N ALA B 151 -32.18 13.03 2.07
CA ALA B 151 -31.23 12.60 1.06
C ALA B 151 -31.36 13.48 -0.16
N LEU B 152 -30.25 14.09 -0.58
CA LEU B 152 -30.17 14.82 -1.82
C LEU B 152 -28.92 14.36 -2.56
N GLY B 153 -28.85 14.72 -3.83
CA GLY B 153 -27.71 14.31 -4.62
C GLY B 153 -27.77 14.94 -5.99
N CYS B 154 -26.97 14.40 -6.90
CA CYS B 154 -27.03 14.86 -8.27
C CYS B 154 -26.62 13.72 -9.19
N LEU B 155 -27.15 13.75 -10.40
CA LEU B 155 -27.00 12.68 -11.38
C LEU B 155 -26.03 13.12 -12.45
N VAL B 156 -24.97 12.34 -12.65
CA VAL B 156 -23.93 12.61 -13.64
C VAL B 156 -24.18 11.66 -14.79
N LYS B 157 -24.74 12.16 -15.88
CA LYS B 157 -25.27 11.29 -16.92
C LYS B 157 -24.50 11.44 -18.23
N ASP B 158 -24.26 10.30 -18.89
CA ASP B 158 -23.82 10.25 -20.28
C ASP B 158 -22.45 10.90 -20.48
N TYR B 159 -21.46 10.36 -19.79
CA TYR B 159 -20.09 10.80 -19.98
C TYR B 159 -19.23 9.63 -20.44
N PHE B 160 -18.06 9.98 -20.97
CA PHE B 160 -17.09 9.00 -21.43
C PHE B 160 -15.74 9.69 -21.63
N PRO B 161 -14.63 9.07 -21.19
CA PRO B 161 -14.63 7.79 -20.49
C PRO B 161 -14.69 8.05 -19.00
N GLU B 162 -14.55 7.00 -18.18
CA GLU B 162 -14.32 7.23 -16.77
C GLU B 162 -12.90 7.79 -16.59
N PRO B 163 -12.61 8.37 -15.42
CA PRO B 163 -13.53 8.49 -14.29
C PRO B 163 -14.04 9.91 -14.13
N VAL B 164 -14.93 10.10 -13.16
CA VAL B 164 -15.42 11.42 -12.79
C VAL B 164 -15.36 11.53 -11.28
N THR B 165 -14.84 12.64 -10.77
CA THR B 165 -14.80 12.87 -9.34
C THR B 165 -15.92 13.80 -8.93
N VAL B 166 -16.54 13.50 -7.80
CA VAL B 166 -17.63 14.31 -7.25
C VAL B 166 -17.23 14.74 -5.85
N SER B 167 -17.38 16.03 -5.57
CA SER B 167 -17.24 16.57 -4.23
C SER B 167 -18.48 17.40 -3.95
N TRP B 168 -18.65 17.81 -2.70
CA TRP B 168 -19.77 18.67 -2.32
C TRP B 168 -19.25 19.91 -1.63
N ASN B 169 -19.73 21.07 -2.07
CA ASN B 169 -19.31 22.35 -1.52
C ASN B 169 -17.79 22.50 -1.60
N SER B 170 -17.23 22.15 -2.76
CA SER B 170 -15.78 22.19 -2.99
C SER B 170 -15.04 21.38 -1.93
N GLY B 171 -15.59 20.22 -1.59
CA GLY B 171 -14.98 19.33 -0.63
C GLY B 171 -15.22 19.66 0.83
N ALA B 172 -15.77 20.85 1.13
CA ALA B 172 -15.99 21.20 2.52
C ALA B 172 -16.98 20.25 3.18
N LEU B 173 -17.89 19.66 2.40
CA LEU B 173 -18.88 18.71 2.90
C LEU B 173 -18.39 17.31 2.58
N THR B 174 -18.02 16.55 3.61
CA THR B 174 -17.46 15.22 3.44
C THR B 174 -18.22 14.12 4.14
N SER B 175 -18.92 14.41 5.23
CA SER B 175 -19.62 13.38 5.99
C SER B 175 -21.00 13.13 5.40
N GLY B 176 -21.33 11.86 5.19
CA GLY B 176 -22.58 11.49 4.57
C GLY B 176 -22.55 11.48 3.05
N VAL B 177 -21.39 11.68 2.46
CA VAL B 177 -21.26 11.75 1.00
C VAL B 177 -21.00 10.34 0.48
N HIS B 178 -21.95 9.80 -0.25
CA HIS B 178 -21.84 8.49 -0.87
C HIS B 178 -21.91 8.70 -2.38
N THR B 179 -20.75 8.69 -3.04
CA THR B 179 -20.68 8.68 -4.49
C THR B 179 -20.66 7.23 -4.96
N PHE B 180 -21.64 6.85 -5.82
CA PHE B 180 -21.78 5.46 -6.20
C PHE B 180 -20.95 5.12 -7.43
N PRO B 181 -20.61 3.84 -7.58
CA PRO B 181 -19.90 3.40 -8.79
C PRO B 181 -20.77 3.57 -10.01
N ALA B 182 -20.12 3.85 -11.14
CA ALA B 182 -20.85 4.19 -12.35
C ALA B 182 -21.47 2.96 -12.99
N VAL B 183 -22.58 3.18 -13.69
CA VAL B 183 -23.21 2.16 -14.51
C VAL B 183 -22.86 2.47 -15.95
N LEU B 184 -22.78 1.42 -16.75
CA LEU B 184 -22.47 1.53 -18.17
C LEU B 184 -23.71 1.17 -18.97
N GLN B 185 -24.12 2.06 -19.86
CA GLN B 185 -25.31 1.86 -20.67
C GLN B 185 -24.96 1.25 -22.03
N SER B 186 -25.98 0.70 -22.68
CA SER B 186 -25.81 0.10 -24.00
C SER B 186 -25.37 1.11 -25.04
N SER B 187 -25.33 2.40 -24.70
CA SER B 187 -24.78 3.42 -25.59
C SER B 187 -23.28 3.58 -25.45
N GLY B 188 -22.66 2.92 -24.47
CA GLY B 188 -21.25 3.11 -24.22
C GLY B 188 -20.90 4.27 -23.31
N LEU B 189 -21.88 5.04 -22.86
CA LEU B 189 -21.65 6.15 -21.95
C LEU B 189 -21.90 5.71 -20.52
N TYR B 190 -21.22 6.35 -19.57
CA TYR B 190 -21.38 6.04 -18.16
C TYR B 190 -22.28 7.08 -17.49
N SER B 191 -22.90 6.65 -16.39
CA SER B 191 -23.65 7.53 -15.52
C SER B 191 -23.42 7.05 -14.09
N LEU B 192 -23.27 7.99 -13.17
CA LEU B 192 -23.19 7.66 -11.76
C LEU B 192 -23.98 8.68 -10.97
N SER B 193 -24.18 8.41 -9.69
CA SER B 193 -24.88 9.32 -8.81
C SER B 193 -24.08 9.50 -7.53
N SER B 194 -24.25 10.66 -6.93
CA SER B 194 -23.63 10.97 -5.64
C SER B 194 -24.70 11.54 -4.74
N VAL B 195 -24.83 10.98 -3.54
CA VAL B 195 -25.87 11.40 -2.62
C VAL B 195 -25.23 11.84 -1.30
N VAL B 196 -25.86 12.82 -0.66
CA VAL B 196 -25.39 13.35 0.66
C VAL B 196 -26.57 13.28 1.63
N THR B 197 -26.34 12.77 2.84
CA THR B 197 -27.40 12.70 3.87
C THR B 197 -27.22 13.90 4.80
N VAL B 198 -28.25 14.73 4.95
CA VAL B 198 -28.15 15.95 5.81
C VAL B 198 -29.42 16.10 6.64
N PRO B 199 -29.37 16.78 7.80
CA PRO B 199 -30.55 16.99 8.63
C PRO B 199 -31.51 17.90 7.85
N SER B 200 -32.81 17.59 7.89
CA SER B 200 -33.82 18.40 7.15
C SER B 200 -33.80 19.85 7.66
N SER B 201 -33.26 20.09 8.87
CA SER B 201 -33.22 21.43 9.44
C SER B 201 -32.30 22.35 8.65
N SER B 202 -31.40 21.79 7.83
CA SER B 202 -30.47 22.59 7.04
C SER B 202 -30.94 22.85 5.62
N LEU B 203 -32.04 22.23 5.19
CA LEU B 203 -32.46 22.36 3.79
C LEU B 203 -32.80 23.80 3.42
N GLY B 204 -33.36 24.57 4.36
CA GLY B 204 -33.69 25.95 4.05
C GLY B 204 -32.57 26.94 4.25
N THR B 205 -31.45 26.54 4.82
CA THR B 205 -30.38 27.46 5.18
C THR B 205 -29.01 27.09 4.64
N GLN B 206 -28.74 25.83 4.32
CA GLN B 206 -27.42 25.40 3.90
C GLN B 206 -27.41 25.19 2.39
N THR B 207 -26.45 25.84 1.72
CA THR B 207 -26.28 25.65 0.29
C THR B 207 -25.62 24.30 0.02
N TYR B 208 -26.20 23.54 -0.91
CA TYR B 208 -25.62 22.27 -1.34
C TYR B 208 -25.31 22.37 -2.83
N ILE B 209 -24.04 22.14 -3.16
CA ILE B 209 -23.56 22.30 -4.54
C ILE B 209 -22.65 21.12 -4.82
N CYS B 210 -23.03 20.28 -5.78
CA CYS B 210 -22.18 19.15 -6.12
C CYS B 210 -21.23 19.57 -7.24
N ASN B 211 -19.95 19.29 -7.04
CA ASN B 211 -18.90 19.65 -7.97
C ASN B 211 -18.53 18.42 -8.77
N VAL B 212 -18.74 18.49 -10.08
CA VAL B 212 -18.44 17.39 -10.98
C VAL B 212 -17.22 17.79 -11.81
N ASN B 213 -16.22 16.92 -11.83
CA ASN B 213 -14.99 17.15 -12.56
C ASN B 213 -14.76 15.95 -13.48
N HIS B 214 -14.97 16.12 -14.77
CA HIS B 214 -14.65 15.09 -15.75
C HIS B 214 -13.37 15.52 -16.45
N LYS B 215 -12.24 15.19 -15.84
CA LYS B 215 -10.94 15.55 -16.45
C LYS B 215 -10.88 15.17 -17.92
N PRO B 216 -11.18 13.93 -18.32
CA PRO B 216 -10.97 13.52 -19.72
C PRO B 216 -11.62 14.44 -20.74
N SER B 217 -12.67 15.16 -20.35
CA SER B 217 -13.31 16.15 -21.23
C SER B 217 -13.01 17.57 -20.80
N ASN B 218 -12.12 17.77 -19.82
CA ASN B 218 -11.85 19.09 -19.27
C ASN B 218 -13.15 19.81 -18.94
N THR B 219 -14.06 19.08 -18.31
CA THR B 219 -15.37 19.60 -17.92
C THR B 219 -15.43 19.74 -16.41
N LYS B 220 -15.96 20.88 -15.95
CA LYS B 220 -16.20 21.12 -14.54
C LYS B 220 -17.59 21.74 -14.43
N VAL B 221 -18.49 21.04 -13.75
CA VAL B 221 -19.86 21.52 -13.56
C VAL B 221 -20.12 21.61 -12.06
N ASP B 222 -20.62 22.76 -11.64
CA ASP B 222 -21.12 22.94 -10.28
C ASP B 222 -22.63 23.07 -10.36
N LYS B 223 -23.34 22.16 -9.69
CA LYS B 223 -24.80 22.12 -9.74
C LYS B 223 -25.33 22.34 -8.34
N ARG B 224 -26.10 23.42 -8.16
CA ARG B 224 -26.74 23.65 -6.87
C ARG B 224 -27.97 22.76 -6.76
N VAL B 225 -28.13 22.11 -5.61
CA VAL B 225 -29.19 21.14 -5.38
C VAL B 225 -30.06 21.70 -4.26
N ALA B 226 -31.17 22.32 -4.62
CA ALA B 226 -32.06 22.97 -3.68
C ALA B 226 -33.32 22.14 -3.48
N ALA B 227 -34.09 22.51 -2.46
CA ALA B 227 -35.32 21.79 -2.16
C ALA B 227 -36.44 22.20 -3.11
N ALA C 2 1.05 -19.84 -17.54
CA ALA C 2 1.07 -18.87 -16.46
C ALA C 2 2.23 -19.14 -15.49
N VAL C 3 3.10 -18.14 -15.32
CA VAL C 3 4.26 -18.31 -14.45
C VAL C 3 3.81 -18.54 -13.02
N LEU C 4 2.87 -17.74 -12.55
CA LEU C 4 2.38 -17.77 -11.17
C LEU C 4 0.86 -17.93 -11.19
N THR C 5 0.35 -18.88 -10.43
CA THR C 5 -1.08 -19.16 -10.36
C THR C 5 -1.54 -19.19 -8.91
N GLN C 6 -2.47 -18.32 -8.57
CA GLN C 6 -3.15 -18.29 -7.29
C GLN C 6 -4.63 -18.63 -7.47
N PRO C 7 -5.25 -19.28 -6.50
CA PRO C 7 -6.70 -19.50 -6.60
C PRO C 7 -7.43 -18.16 -6.63
N SER C 8 -8.60 -18.15 -7.29
CA SER C 8 -9.34 -16.90 -7.43
C SER C 8 -9.84 -16.39 -6.08
N SER C 9 -10.31 -17.29 -5.23
CA SER C 9 -10.95 -16.89 -4.00
C SER C 9 -10.58 -17.86 -2.90
N LEU C 10 -10.66 -17.37 -1.67
CA LEU C 10 -10.37 -18.16 -0.49
C LEU C 10 -11.18 -17.61 0.66
N SER C 11 -11.79 -18.50 1.43
CA SER C 11 -12.63 -18.14 2.56
C SER C 11 -12.09 -18.80 3.83
N ALA C 12 -12.06 -18.02 4.91
CA ALA C 12 -11.58 -18.52 6.19
C ALA C 12 -12.38 -17.86 7.30
N SER C 13 -12.52 -18.59 8.42
CA SER C 13 -13.22 -18.11 9.60
C SER C 13 -12.31 -17.20 10.42
N PRO C 14 -12.88 -16.29 11.20
CA PRO C 14 -12.05 -15.47 12.09
C PRO C 14 -11.30 -16.37 13.08
N GLY C 15 -10.11 -15.92 13.46
CA GLY C 15 -9.25 -16.69 14.33
C GLY C 15 -8.62 -17.92 13.69
N ALA C 16 -9.06 -18.30 12.50
CA ALA C 16 -8.43 -19.38 11.75
C ALA C 16 -7.20 -18.86 11.03
N SER C 17 -6.47 -19.78 10.40
CA SER C 17 -5.32 -19.44 9.58
C SER C 17 -5.64 -19.78 8.12
N ALA C 18 -5.23 -18.91 7.21
CA ALA C 18 -5.43 -19.11 5.78
C ALA C 18 -4.09 -19.32 5.10
N SER C 19 -3.99 -20.37 4.30
CA SER C 19 -2.77 -20.71 3.57
C SER C 19 -2.97 -20.37 2.10
N LEU C 20 -2.58 -19.15 1.71
CA LEU C 20 -2.73 -18.68 0.35
C LEU C 20 -1.59 -19.24 -0.51
N THR C 21 -1.95 -19.95 -1.57
CA THR C 21 -1.00 -20.66 -2.41
C THR C 21 -0.63 -19.86 -3.65
N CYS C 22 0.61 -20.06 -4.11
CA CYS C 22 1.11 -19.45 -5.34
C CYS C 22 1.93 -20.52 -6.05
N THR C 23 1.32 -21.13 -7.06
CA THR C 23 1.92 -22.30 -7.71
C THR C 23 2.76 -21.86 -8.90
N LEU C 24 4.04 -22.16 -8.86
CA LEU C 24 4.94 -21.80 -9.94
C LEU C 24 4.84 -22.80 -11.08
N ARG C 25 5.03 -22.31 -12.30
CA ARG C 25 4.94 -23.15 -13.48
C ARG C 25 5.90 -24.33 -13.36
N GLY C 26 5.65 -25.36 -14.18
CA GLY C 26 6.37 -26.61 -14.01
C GLY C 26 7.88 -26.46 -14.11
N GLY C 27 8.35 -25.80 -15.16
CA GLY C 27 9.77 -25.73 -15.44
C GLY C 27 10.54 -24.66 -14.70
N ILE C 28 10.08 -24.31 -13.49
CA ILE C 28 10.71 -23.27 -12.68
C ILE C 28 10.62 -23.72 -11.22
N ASN C 29 11.77 -24.06 -10.63
CA ASN C 29 11.79 -24.65 -9.30
C ASN C 29 11.62 -23.59 -8.22
N VAL C 30 10.63 -23.79 -7.35
CA VAL C 30 10.27 -22.78 -6.35
C VAL C 30 11.24 -22.69 -5.20
N VAL C 31 12.16 -23.65 -5.05
CA VAL C 31 13.00 -23.69 -3.85
C VAL C 31 13.91 -22.47 -3.78
N ASN C 32 14.41 -22.02 -4.93
CA ASN C 32 15.39 -20.94 -4.99
C ASN C 32 14.76 -19.55 -5.10
N GLN C 33 13.46 -19.47 -5.37
CA GLN C 33 12.85 -18.22 -5.78
C GLN C 33 12.62 -17.28 -4.60
N ARG C 34 12.80 -15.98 -4.87
CA ARG C 34 12.40 -14.94 -3.92
C ARG C 34 10.94 -14.57 -4.22
N LEU C 35 10.05 -14.80 -3.26
CA LEU C 35 8.64 -14.51 -3.42
C LEU C 35 8.27 -13.27 -2.62
N TYR C 36 7.37 -12.46 -3.17
CA TYR C 36 6.89 -11.26 -2.52
C TYR C 36 5.38 -11.28 -2.54
N TRP C 37 4.77 -10.79 -1.46
CA TRP C 37 3.33 -10.81 -1.32
C TRP C 37 2.83 -9.41 -1.03
N TYR C 38 1.69 -9.08 -1.64
CA TYR C 38 1.08 -7.76 -1.53
C TYR C 38 -0.39 -7.88 -1.16
N GLN C 39 -0.86 -6.90 -0.39
CA GLN C 39 -2.25 -6.81 0.02
C GLN C 39 -2.84 -5.56 -0.61
N GLN C 40 -4.02 -5.70 -1.22
CA GLN C 40 -4.70 -4.57 -1.87
C GLN C 40 -6.16 -4.57 -1.44
N LYS C 41 -6.60 -3.44 -0.86
CA LYS C 41 -8.01 -3.26 -0.56
C LYS C 41 -8.63 -2.35 -1.62
N PRO C 42 -9.94 -2.48 -1.87
CA PRO C 42 -10.54 -1.74 -2.99
C PRO C 42 -10.36 -0.24 -2.80
N GLY C 43 -10.02 0.44 -3.90
CA GLY C 43 -9.77 1.86 -3.87
C GLY C 43 -8.37 2.28 -3.47
N SER C 44 -7.48 1.33 -3.18
CA SER C 44 -6.11 1.63 -2.80
C SER C 44 -5.13 0.86 -3.68
N PRO C 45 -3.90 1.34 -3.76
CA PRO C 45 -2.85 0.56 -4.41
C PRO C 45 -2.46 -0.63 -3.56
N PRO C 46 -1.80 -1.63 -4.13
CA PRO C 46 -1.35 -2.77 -3.32
C PRO C 46 -0.32 -2.33 -2.29
N ARG C 47 -0.16 -3.16 -1.27
CA ARG C 47 0.65 -2.86 -0.09
C ARG C 47 1.59 -4.01 0.19
N PHE C 48 2.89 -3.74 0.17
CA PHE C 48 3.89 -4.77 0.47
C PHE C 48 3.65 -5.39 1.83
N LEU C 49 3.69 -6.72 1.89
CA LEU C 49 3.64 -7.47 3.15
C LEU C 49 4.98 -8.06 3.52
N LEU C 50 5.61 -8.84 2.63
CA LEU C 50 6.81 -9.58 3.02
C LEU C 50 7.45 -10.22 1.80
N LYS C 51 8.75 -10.46 1.92
CA LYS C 51 9.49 -11.32 1.03
C LYS C 51 9.77 -12.63 1.74
N TYR C 52 9.74 -13.73 1.00
CA TYR C 52 10.14 -15.02 1.56
C TYR C 52 10.94 -15.79 0.52
N LYS C 53 12.20 -16.07 0.84
CA LYS C 53 13.01 -17.04 0.12
C LYS C 53 13.25 -18.29 0.94
N SER C 54 13.49 -18.15 2.24
CA SER C 54 13.72 -19.28 3.13
C SER C 54 13.62 -18.77 4.56
N ASP C 55 13.67 -19.70 5.51
CA ASP C 55 13.60 -19.32 6.91
C ASP C 55 14.71 -18.36 7.31
N SER C 56 15.81 -18.33 6.56
CA SER C 56 16.93 -17.44 6.88
C SER C 56 16.95 -16.17 6.05
N ASP C 57 16.28 -16.16 4.90
CA ASP C 57 16.25 -14.99 3.99
C ASP C 57 14.80 -14.57 3.78
N ASN C 58 14.39 -13.51 4.45
CA ASN C 58 13.04 -13.00 4.31
C ASN C 58 13.01 -11.57 4.81
N PHE C 59 11.86 -10.93 4.65
CA PHE C 59 11.70 -9.51 4.94
C PHE C 59 10.25 -9.26 5.30
N LEU C 60 10.02 -8.62 6.45
CA LEU C 60 8.66 -8.32 6.91
C LEU C 60 8.51 -6.81 6.99
N GLY C 61 7.57 -6.27 6.20
CA GLY C 61 7.44 -4.83 6.10
C GLY C 61 7.05 -4.19 7.41
N SER C 62 7.54 -2.97 7.62
CA SER C 62 7.19 -2.22 8.82
C SER C 62 5.68 -2.03 8.88
N GLY C 63 5.13 -2.11 10.08
CA GLY C 63 3.70 -1.97 10.25
C GLY C 63 2.88 -3.11 9.68
N VAL C 64 3.51 -4.20 9.28
CA VAL C 64 2.80 -5.38 8.79
C VAL C 64 2.71 -6.39 9.95
N PRO C 65 1.52 -6.80 10.35
CA PRO C 65 1.40 -7.69 11.51
C PRO C 65 2.28 -8.92 11.37
N SER C 66 2.77 -9.41 12.51
CA SER C 66 3.49 -10.67 12.56
C SER C 66 2.60 -11.86 12.23
N ARG C 67 1.27 -11.67 12.22
CA ARG C 67 0.35 -12.71 11.78
C ARG C 67 0.60 -13.12 10.33
N PHE C 68 1.33 -12.30 9.56
CA PHE C 68 1.66 -12.61 8.18
C PHE C 68 3.03 -13.27 8.15
N SER C 69 3.10 -14.46 7.56
CA SER C 69 4.36 -15.17 7.41
C SER C 69 4.36 -15.91 6.09
N GLY C 70 5.57 -16.20 5.61
CA GLY C 70 5.75 -16.87 4.34
C GLY C 70 6.35 -18.25 4.53
N SER C 71 6.04 -19.15 3.60
CA SER C 71 6.65 -20.46 3.57
C SER C 71 6.57 -20.98 2.14
N LYS C 72 7.18 -22.12 1.90
CA LYS C 72 7.20 -22.75 0.59
C LYS C 72 6.87 -24.22 0.72
N ASP C 73 6.27 -24.79 -0.32
CA ASP C 73 5.87 -26.19 -0.37
C ASP C 73 6.46 -26.77 -1.64
N ALA C 74 7.65 -27.35 -1.53
CA ALA C 74 8.35 -27.83 -2.71
C ALA C 74 7.55 -28.93 -3.42
N SER C 75 6.81 -29.74 -2.66
CA SER C 75 5.99 -30.78 -3.28
C SER C 75 5.08 -30.20 -4.35
N ALA C 76 4.27 -29.21 -3.97
CA ALA C 76 3.36 -28.55 -4.90
C ALA C 76 4.04 -27.50 -5.76
N ASN C 77 5.34 -27.28 -5.59
CA ASN C 77 6.08 -26.23 -6.28
C ASN C 77 5.39 -24.88 -6.14
N ALA C 78 4.99 -24.58 -4.91
CA ALA C 78 4.18 -23.41 -4.61
C ALA C 78 4.77 -22.63 -3.46
N GLY C 79 4.53 -21.32 -3.48
CA GLY C 79 4.77 -20.47 -2.34
C GLY C 79 3.47 -20.30 -1.57
N ILE C 80 3.60 -20.04 -0.27
CA ILE C 80 2.45 -19.97 0.61
C ILE C 80 2.54 -18.67 1.42
N LEU C 81 1.43 -17.95 1.50
CA LEU C 81 1.28 -16.86 2.44
C LEU C 81 0.42 -17.36 3.59
N LEU C 82 0.99 -17.37 4.78
CA LEU C 82 0.28 -17.82 5.97
C LEU C 82 -0.27 -16.59 6.69
N ILE C 83 -1.58 -16.54 6.83
CA ILE C 83 -2.25 -15.52 7.63
C ILE C 83 -2.83 -16.23 8.85
N SER C 84 -2.23 -16.00 10.01
CA SER C 84 -2.68 -16.58 11.25
C SER C 84 -3.66 -15.63 11.94
N GLU C 85 -4.54 -16.20 12.76
CA GLU C 85 -5.55 -15.44 13.48
C GLU C 85 -6.21 -14.41 12.55
N VAL C 86 -6.72 -14.93 11.43
CA VAL C 86 -7.34 -14.06 10.42
C VAL C 86 -8.38 -13.18 11.09
N GLN C 87 -8.42 -11.91 10.69
CA GLN C 87 -9.37 -10.94 11.18
C GLN C 87 -10.21 -10.40 10.02
N SER C 88 -11.30 -9.72 10.39
CA SER C 88 -12.18 -9.12 9.39
C SER C 88 -11.42 -8.12 8.51
N GLU C 89 -10.46 -7.41 9.09
CA GLU C 89 -9.72 -6.40 8.33
C GLU C 89 -8.65 -7.01 7.42
N ASP C 90 -8.50 -8.33 7.42
CA ASP C 90 -7.62 -9.00 6.47
C ASP C 90 -8.31 -9.33 5.15
N GLU C 91 -9.62 -9.13 5.06
CA GLU C 91 -10.33 -9.29 3.81
C GLU C 91 -9.75 -8.36 2.76
N ALA C 92 -9.18 -8.94 1.72
CA ALA C 92 -8.50 -8.17 0.69
C ALA C 92 -8.13 -9.12 -0.43
N ASP C 93 -7.54 -8.57 -1.48
CA ASP C 93 -6.97 -9.36 -2.57
C ASP C 93 -5.46 -9.45 -2.35
N TYR C 94 -4.92 -10.67 -2.39
CA TYR C 94 -3.53 -10.93 -2.05
C TYR C 94 -2.78 -11.42 -3.28
N TYR C 95 -1.66 -10.77 -3.59
CA TYR C 95 -0.89 -11.04 -4.79
C TYR C 95 0.48 -11.61 -4.44
N CYS C 96 0.87 -12.68 -5.11
CA CYS C 96 2.25 -13.12 -5.08
C CYS C 96 2.97 -12.59 -6.30
N MET C 97 4.29 -12.46 -6.18
CA MET C 97 5.09 -11.83 -7.20
C MET C 97 6.51 -12.36 -7.12
N MET C 98 7.14 -12.52 -8.29
CA MET C 98 8.56 -12.83 -8.32
C MET C 98 9.17 -12.22 -9.58
N TRP C 99 10.50 -12.15 -9.59
CA TRP C 99 11.25 -11.76 -10.76
C TRP C 99 11.51 -13.00 -11.62
N HIS C 100 11.21 -12.91 -12.91
CA HIS C 100 11.44 -14.03 -13.81
C HIS C 100 11.52 -13.50 -15.23
N SER C 101 12.51 -13.99 -15.99
CA SER C 101 12.69 -13.60 -17.38
C SER C 101 12.67 -12.08 -17.52
N SER C 102 13.46 -11.41 -16.68
CA SER C 102 13.71 -9.98 -16.77
C SER C 102 12.48 -9.13 -16.46
N ALA C 103 11.55 -9.65 -15.67
CA ALA C 103 10.39 -8.84 -15.30
C ALA C 103 9.79 -9.36 -14.00
N TYR C 104 9.22 -8.45 -13.23
CA TYR C 104 8.35 -8.88 -12.15
C TYR C 104 7.07 -9.42 -12.74
N VAL C 105 6.61 -10.54 -12.19
CA VAL C 105 5.35 -11.14 -12.60
C VAL C 105 4.53 -11.40 -11.35
N PHE C 106 3.23 -11.13 -11.43
CA PHE C 106 2.31 -11.39 -10.34
C PHE C 106 1.38 -12.54 -10.72
N GLY C 107 0.89 -13.24 -9.70
CA GLY C 107 -0.26 -14.09 -9.88
C GLY C 107 -1.51 -13.24 -10.03
N GLY C 108 -2.64 -13.94 -10.28
CA GLY C 108 -3.89 -13.26 -10.52
C GLY C 108 -4.52 -12.63 -9.31
N GLY C 109 -3.99 -12.88 -8.11
CA GLY C 109 -4.59 -12.35 -6.90
C GLY C 109 -5.59 -13.30 -6.27
N THR C 110 -5.48 -13.51 -4.97
CA THR C 110 -6.43 -14.31 -4.21
C THR C 110 -7.26 -13.37 -3.34
N LYS C 111 -8.57 -13.37 -3.53
CA LYS C 111 -9.48 -12.60 -2.72
C LYS C 111 -9.83 -13.39 -1.46
N LEU C 112 -9.44 -12.86 -0.30
CA LEU C 112 -9.72 -13.49 0.98
C LEU C 112 -11.08 -13.03 1.49
N THR C 113 -11.94 -13.99 1.83
CA THR C 113 -13.23 -13.72 2.44
C THR C 113 -13.19 -14.16 3.90
N VAL C 114 -13.34 -13.20 4.81
CA VAL C 114 -13.39 -13.48 6.24
C VAL C 114 -14.85 -13.72 6.62
N LEU C 115 -15.16 -14.94 7.04
CA LEU C 115 -16.54 -15.36 7.30
C LEU C 115 -17.06 -14.76 8.61
N GLY C 116 -18.38 -14.78 8.76
CA GLY C 116 -19.01 -14.40 9.99
C GLY C 116 -19.35 -12.93 10.14
N GLN C 117 -19.41 -12.18 9.04
CA GLN C 117 -19.83 -10.79 9.18
C GLN C 117 -21.35 -10.72 9.34
N PRO C 118 -21.86 -9.83 10.19
CA PRO C 118 -23.29 -9.81 10.47
C PRO C 118 -24.10 -9.23 9.32
N LYS C 119 -25.38 -9.60 9.28
CA LYS C 119 -26.29 -9.04 8.30
C LYS C 119 -26.50 -7.55 8.54
N ALA C 120 -26.86 -6.85 7.47
CA ALA C 120 -27.15 -5.43 7.53
C ALA C 120 -28.20 -5.11 6.47
N ALA C 121 -29.29 -4.44 6.88
CA ALA C 121 -30.43 -4.19 6.00
C ALA C 121 -30.13 -3.01 5.08
N PRO C 122 -30.51 -3.11 3.80
CA PRO C 122 -30.14 -2.05 2.85
C PRO C 122 -30.91 -0.76 3.11
N SER C 123 -30.23 0.34 2.85
CA SER C 123 -30.85 1.66 2.82
C SER C 123 -31.13 2.00 1.36
N VAL C 124 -32.38 2.29 1.04
CA VAL C 124 -32.79 2.53 -0.34
C VAL C 124 -33.35 3.94 -0.44
N THR C 125 -32.89 4.68 -1.44
CA THR C 125 -33.42 6.00 -1.76
C THR C 125 -33.69 6.06 -3.25
N LEU C 126 -34.90 6.49 -3.61
CA LEU C 126 -35.32 6.56 -5.00
C LEU C 126 -35.57 8.01 -5.38
N PHE C 127 -34.95 8.46 -6.47
CA PHE C 127 -35.10 9.81 -6.98
C PHE C 127 -35.89 9.79 -8.27
N PRO C 128 -36.85 10.68 -8.46
CA PRO C 128 -37.54 10.76 -9.73
C PRO C 128 -36.71 11.56 -10.73
N PRO C 129 -37.14 11.66 -11.98
CA PRO C 129 -36.44 12.53 -12.92
C PRO C 129 -36.58 13.98 -12.49
N SER C 130 -35.45 14.70 -12.46
CA SER C 130 -35.51 16.10 -12.14
C SER C 130 -36.26 16.86 -13.24
N SER C 131 -36.74 18.05 -12.89
CA SER C 131 -37.39 18.86 -13.91
C SER C 131 -36.42 19.21 -15.04
N GLU C 132 -35.16 19.47 -14.69
CA GLU C 132 -34.15 19.77 -15.71
C GLU C 132 -34.08 18.66 -16.75
N GLU C 133 -34.00 17.40 -16.32
CA GLU C 133 -33.88 16.29 -17.27
C GLU C 133 -35.14 16.16 -18.12
N LEU C 134 -36.31 16.20 -17.48
CA LEU C 134 -37.56 16.23 -18.24
C LEU C 134 -37.54 17.35 -19.27
N GLN C 135 -37.18 18.55 -18.84
CA GLN C 135 -37.07 19.67 -19.77
C GLN C 135 -36.15 19.33 -20.94
N ALA C 136 -35.12 18.51 -20.70
CA ALA C 136 -34.23 18.05 -21.77
C ALA C 136 -34.79 16.85 -22.52
N ASN C 137 -36.06 16.51 -22.31
CA ASN C 137 -36.73 15.43 -23.04
C ASN C 137 -36.14 14.06 -22.72
N LYS C 138 -35.74 13.86 -21.47
CA LYS C 138 -35.23 12.59 -20.99
C LYS C 138 -35.71 12.37 -19.56
N ALA C 139 -35.63 11.13 -19.09
CA ALA C 139 -36.19 10.77 -17.79
C ALA C 139 -35.40 9.60 -17.23
N THR C 140 -34.85 9.76 -16.03
CA THR C 140 -34.10 8.71 -15.37
C THR C 140 -34.54 8.61 -13.92
N LEU C 141 -34.89 7.40 -13.50
CA LEU C 141 -35.11 7.10 -12.09
C LEU C 141 -33.84 6.46 -11.54
N VAL C 142 -33.38 6.95 -10.39
CA VAL C 142 -32.16 6.45 -9.77
C VAL C 142 -32.52 5.84 -8.43
N CYS C 143 -32.19 4.57 -8.27
CA CYS C 143 -32.42 3.84 -7.02
C CYS C 143 -31.06 3.48 -6.45
N LEU C 144 -30.76 3.98 -5.26
CA LEU C 144 -29.46 3.77 -4.64
C LEU C 144 -29.63 2.89 -3.41
N ILE C 145 -28.83 1.83 -3.35
CA ILE C 145 -28.93 0.83 -2.29
C ILE C 145 -27.56 0.72 -1.62
N SER C 146 -27.55 0.73 -0.29
CA SER C 146 -26.28 0.72 0.43
C SER C 146 -26.47 0.14 1.82
N ASP C 147 -25.34 -0.07 2.50
CA ASP C 147 -25.30 -0.43 3.92
C ASP C 147 -25.80 -1.85 4.17
N PHE C 148 -25.65 -2.76 3.21
CA PHE C 148 -26.22 -4.09 3.34
C PHE C 148 -25.14 -5.16 3.23
N TYR C 149 -25.38 -6.28 3.92
CA TYR C 149 -24.53 -7.45 3.85
C TYR C 149 -25.38 -8.66 4.20
N PRO C 150 -25.18 -9.80 3.53
CA PRO C 150 -24.28 -9.96 2.39
C PRO C 150 -24.68 -9.14 1.17
N GLY C 151 -23.89 -9.25 0.10
CA GLY C 151 -24.09 -8.41 -1.07
C GLY C 151 -25.03 -8.96 -2.11
N ALA C 152 -25.72 -10.05 -1.83
CA ALA C 152 -26.72 -10.59 -2.76
C ALA C 152 -28.00 -9.76 -2.64
N VAL C 153 -28.31 -8.99 -3.66
CA VAL C 153 -29.51 -8.17 -3.69
C VAL C 153 -30.24 -8.41 -5.01
N THR C 154 -31.56 -8.48 -4.92
CA THR C 154 -32.43 -8.48 -6.10
C THR C 154 -33.16 -7.16 -6.14
N VAL C 155 -33.08 -6.49 -7.29
CA VAL C 155 -33.73 -5.20 -7.50
C VAL C 155 -34.77 -5.36 -8.60
N ALA C 156 -36.00 -4.92 -8.32
CA ALA C 156 -37.09 -4.96 -9.28
C ALA C 156 -37.71 -3.57 -9.39
N TRP C 157 -38.12 -3.21 -10.60
CA TRP C 157 -38.81 -1.96 -10.86
C TRP C 157 -40.26 -2.24 -11.25
N LYS C 158 -41.16 -1.36 -10.81
CA LYS C 158 -42.58 -1.54 -11.12
C LYS C 158 -43.16 -0.23 -11.69
N ALA C 159 -43.81 -0.33 -12.85
CA ALA C 159 -44.55 0.84 -13.39
C ALA C 159 -45.95 0.62 -12.82
N ASP C 160 -46.47 1.56 -12.03
CA ASP C 160 -47.75 1.34 -11.32
C ASP C 160 -47.54 0.09 -10.45
N SER C 161 -48.36 -0.95 -10.60
CA SER C 161 -48.20 -2.18 -9.78
C SER C 161 -47.67 -3.36 -10.60
N SER C 162 -47.13 -3.14 -11.80
CA SER C 162 -46.69 -4.29 -12.63
C SER C 162 -45.18 -4.27 -12.92
N PRO C 163 -44.53 -5.46 -13.06
CA PRO C 163 -43.10 -5.57 -13.33
C PRO C 163 -42.65 -4.86 -14.61
N VAL C 164 -41.40 -4.37 -14.60
CA VAL C 164 -40.80 -3.63 -15.70
C VAL C 164 -39.35 -4.06 -15.82
N LYS C 165 -38.97 -4.57 -16.99
CA LYS C 165 -37.60 -4.99 -17.25
C LYS C 165 -36.88 -4.15 -18.30
N ALA C 166 -37.61 -3.44 -19.15
CA ALA C 166 -37.00 -2.61 -20.19
C ALA C 166 -36.46 -1.31 -19.60
N GLY C 167 -35.26 -0.93 -20.02
CA GLY C 167 -34.64 0.31 -19.59
C GLY C 167 -33.95 0.28 -18.25
N VAL C 168 -33.57 -0.91 -17.76
CA VAL C 168 -33.00 -1.06 -16.43
C VAL C 168 -31.50 -1.29 -16.54
N GLU C 169 -30.74 -0.60 -15.69
CA GLU C 169 -29.30 -0.74 -15.59
C GLU C 169 -28.95 -0.82 -14.11
N THR C 170 -28.42 -1.96 -13.68
CA THR C 170 -28.12 -2.20 -12.27
C THR C 170 -26.65 -2.59 -12.12
N THR C 171 -25.94 -1.85 -11.28
CA THR C 171 -24.54 -2.17 -11.02
C THR C 171 -24.42 -3.44 -10.21
N THR C 172 -23.22 -4.01 -10.20
CA THR C 172 -22.92 -5.12 -9.31
C THR C 172 -22.58 -4.59 -7.93
N PRO C 173 -23.21 -5.11 -6.87
CA PRO C 173 -22.96 -4.57 -5.53
C PRO C 173 -21.50 -4.66 -5.16
N SER C 174 -20.93 -3.54 -4.74
CA SER C 174 -19.52 -3.45 -4.36
C SER C 174 -19.40 -2.89 -2.95
N LYS C 175 -18.38 -3.37 -2.24
CA LYS C 175 -18.21 -3.02 -0.84
C LYS C 175 -17.72 -1.59 -0.72
N GLN C 176 -18.53 -0.73 -0.13
CA GLN C 176 -18.06 0.58 0.28
C GLN C 176 -17.15 0.42 1.49
N SER C 177 -16.54 1.52 1.93
CA SER C 177 -15.77 1.46 3.15
C SER C 177 -16.66 0.98 4.29
N ASN C 178 -16.06 0.28 5.24
CA ASN C 178 -16.70 -0.46 6.35
C ASN C 178 -17.18 -1.84 5.94
N ASN C 179 -16.81 -2.33 4.76
CA ASN C 179 -17.06 -3.71 4.33
C ASN C 179 -18.53 -3.99 4.05
N LYS C 180 -19.39 -2.98 4.11
CA LYS C 180 -20.77 -3.15 3.66
C LYS C 180 -20.84 -2.97 2.14
N TYR C 181 -22.03 -3.12 1.58
CA TYR C 181 -22.22 -3.11 0.14
C TYR C 181 -23.11 -1.95 -0.27
N ALA C 182 -22.94 -1.50 -1.52
CA ALA C 182 -23.80 -0.51 -2.14
C ALA C 182 -24.00 -0.87 -3.61
N ALA C 183 -25.12 -0.44 -4.16
CA ALA C 183 -25.50 -0.77 -5.52
C ALA C 183 -26.41 0.32 -6.06
N SER C 184 -26.46 0.43 -7.38
CA SER C 184 -27.25 1.45 -8.06
C SER C 184 -28.08 0.80 -9.14
N SER C 185 -29.31 1.30 -9.32
CA SER C 185 -30.15 0.83 -10.40
C SER C 185 -30.77 2.03 -11.08
N TYR C 186 -30.69 2.06 -12.41
CA TYR C 186 -31.22 3.15 -13.21
C TYR C 186 -32.32 2.63 -14.11
N LEU C 187 -33.45 3.32 -14.11
CA LEU C 187 -34.56 3.06 -15.02
C LEU C 187 -34.71 4.28 -15.93
N SER C 188 -34.46 4.10 -17.22
CA SER C 188 -34.63 5.16 -18.19
C SER C 188 -36.02 5.10 -18.80
N LEU C 189 -36.68 6.25 -18.87
CA LEU C 189 -38.03 6.37 -19.39
C LEU C 189 -38.07 7.50 -20.40
N THR C 190 -39.09 7.49 -21.23
CA THR C 190 -39.42 8.71 -21.92
C THR C 190 -40.18 9.62 -20.97
N PRO C 191 -40.08 10.94 -21.15
CA PRO C 191 -40.92 11.83 -20.34
C PRO C 191 -42.38 11.43 -20.38
N GLU C 192 -42.85 10.88 -21.51
CA GLU C 192 -44.24 10.47 -21.62
C GLU C 192 -44.54 9.26 -20.74
N GLN C 193 -43.68 8.23 -20.79
CA GLN C 193 -43.84 7.09 -19.88
C GLN C 193 -43.94 7.57 -18.44
N TRP C 194 -43.09 8.53 -18.07
CA TRP C 194 -43.09 9.02 -16.69
C TRP C 194 -44.41 9.70 -16.35
N LYS C 195 -44.94 10.51 -17.26
CA LYS C 195 -46.10 11.31 -16.94
C LYS C 195 -47.43 10.58 -17.15
N SER C 196 -47.42 9.42 -17.82
CA SER C 196 -48.63 8.66 -18.07
C SER C 196 -48.85 7.53 -17.05
N HIS C 197 -48.03 7.46 -16.00
CA HIS C 197 -48.17 6.46 -14.95
C HIS C 197 -48.39 7.15 -13.60
N ARG C 198 -49.18 6.50 -12.74
CA ARG C 198 -49.40 7.06 -11.42
C ARG C 198 -48.12 7.09 -10.60
N SER C 199 -47.23 6.14 -10.83
CA SER C 199 -46.01 6.04 -10.04
C SER C 199 -45.13 4.94 -10.61
N TYR C 200 -43.87 4.95 -10.16
CA TYR C 200 -42.89 3.89 -10.40
C TYR C 200 -42.29 3.50 -9.06
N SER C 201 -41.86 2.24 -8.96
CA SER C 201 -41.33 1.72 -7.69
C SER C 201 -40.01 1.01 -7.91
N CYS C 202 -39.08 1.25 -6.99
CA CYS C 202 -37.87 0.45 -6.84
C CYS C 202 -38.06 -0.48 -5.65
N GLN C 203 -37.86 -1.77 -5.86
CA GLN C 203 -38.06 -2.79 -4.83
C GLN C 203 -36.75 -3.51 -4.58
N VAL C 204 -36.29 -3.50 -3.34
CA VAL C 204 -35.03 -4.12 -2.97
C VAL C 204 -35.32 -5.19 -1.92
N THR C 205 -35.09 -6.44 -2.27
CA THR C 205 -35.28 -7.55 -1.36
C THR C 205 -33.92 -8.01 -0.84
N HIS C 206 -33.79 -8.09 0.48
CA HIS C 206 -32.52 -8.48 1.10
C HIS C 206 -32.83 -9.13 2.43
N GLU C 207 -32.42 -10.40 2.56
CA GLU C 207 -32.42 -11.08 3.85
C GLU C 207 -33.83 -11.18 4.45
N GLY C 208 -34.78 -11.61 3.62
CA GLY C 208 -36.14 -11.82 4.07
C GLY C 208 -36.98 -10.57 4.21
N SER C 209 -36.54 -9.45 3.63
CA SER C 209 -37.22 -8.18 3.75
C SER C 209 -37.18 -7.45 2.42
N THR C 210 -38.24 -6.71 2.12
CA THR C 210 -38.36 -5.99 0.85
C THR C 210 -38.66 -4.53 1.13
N VAL C 211 -37.72 -3.67 0.82
CA VAL C 211 -37.95 -2.24 0.88
C VAL C 211 -38.41 -1.77 -0.49
N GLU C 212 -39.44 -0.93 -0.49
CA GLU C 212 -39.98 -0.38 -1.73
C GLU C 212 -40.14 1.12 -1.56
N LYS C 213 -39.44 1.88 -2.40
CA LYS C 213 -39.72 3.30 -2.52
C LYS C 213 -40.53 3.53 -3.78
N THR C 214 -41.29 4.62 -3.78
CA THR C 214 -42.16 4.95 -4.90
C THR C 214 -42.10 6.45 -5.13
N VAL C 215 -42.11 6.84 -6.40
CA VAL C 215 -42.16 8.25 -6.77
C VAL C 215 -43.24 8.44 -7.84
N ALA C 216 -43.77 9.64 -7.91
CA ALA C 216 -44.75 10.00 -8.91
C ALA C 216 -44.55 11.45 -9.31
N PRO C 217 -45.10 11.88 -10.45
CA PRO C 217 -45.06 13.29 -10.86
C PRO C 217 -45.81 14.19 -9.89
C1 NAG D . 41.64 0.77 15.24
C2 NAG D . 41.46 1.47 13.89
C3 NAG D . 42.17 0.68 12.80
C4 NAG D . 43.64 0.48 13.16
C5 NAG D . 43.74 -0.18 14.53
C6 NAG D . 45.16 -0.33 15.02
C7 NAG D . 39.58 2.60 12.79
C8 NAG D . 38.10 2.62 12.57
N2 NAG D . 40.05 1.63 13.57
O3 NAG D . 42.06 1.37 11.56
O4 NAG D . 44.30 -0.33 12.19
O5 NAG D . 43.04 0.61 15.51
O6 NAG D . 45.21 -1.04 16.25
O7 NAG D . 40.32 3.43 12.27
C1 GOL E . 15.08 -12.97 20.18
O1 GOL E . 16.48 -12.80 20.22
C2 GOL E . 14.81 -14.14 19.24
O2 GOL E . 15.99 -14.45 18.54
C3 GOL E . 13.67 -13.78 18.29
O3 GOL E . 13.81 -14.48 17.07
C1 GOL F . 44.09 -13.82 19.82
O1 GOL F . 44.87 -14.66 18.96
C2 GOL F . 43.39 -12.73 19.05
O2 GOL F . 44.20 -12.31 17.95
C3 GOL F . 43.02 -11.53 19.89
O3 GOL F . 41.61 -11.48 20.13
CL CL G . 13.03 11.24 -8.77
C1 GOL H . 23.28 3.56 -11.25
O1 GOL H . 23.14 2.95 -12.53
C2 GOL H . 21.94 3.79 -10.58
O2 GOL H . 21.54 5.16 -10.73
C3 GOL H . 21.92 3.41 -9.12
O3 GOL H . 20.87 4.06 -8.42
C1 GOL I . -2.93 10.12 -21.72
O1 GOL I . -1.68 9.80 -22.32
C2 GOL I . -2.75 10.85 -20.41
O2 GOL I . -1.58 11.65 -20.45
C3 GOL I . -3.95 11.68 -20.01
O3 GOL I . -4.97 10.89 -19.43
C1 GOL J . -55.91 10.86 -6.32
O1 GOL J . -55.08 11.91 -5.88
C2 GOL J . -56.65 11.32 -7.57
O2 GOL J . -57.92 10.71 -7.61
C3 GOL J . -55.86 10.99 -8.83
O3 GOL J . -55.44 9.65 -8.82
C1 GOL K . -15.94 -11.72 0.11
O1 GOL K . -16.12 -12.44 -1.11
C2 GOL K . -17.13 -10.84 0.40
O2 GOL K . -18.35 -11.53 0.14
C3 GOL K . -17.15 -10.30 1.82
O3 GOL K . -17.97 -9.15 1.94
#